data_7LFJ
#
_entry.id   7LFJ
#
_cell.length_a   63.866
_cell.length_b   65.292
_cell.length_c   55.125
_cell.angle_alpha   99.435
_cell.angle_beta   97.897
_cell.angle_gamma   111.902
#
_symmetry.space_group_name_H-M   'P 1'
#
loop_
_entity.id
_entity.type
_entity.pdbx_description
1 polymer 'Histocompatibility 2, M region locus 3'
2 polymer Beta-2-microglobulin
3 polymer 'Heptapeptide from NADH-ubiquinone oxidoreductase chain 1'
4 non-polymer 2-acetamido-2-deoxy-beta-D-glucopyranose
5 non-polymer 'SODIUM ION'
6 water water
#
loop_
_entity_poly.entity_id
_entity_poly.type
_entity_poly.pdbx_seq_one_letter_code
_entity_poly.pdbx_strand_id
1 'polypeptide(L)'
;GSHSLRYFHTAVSRPGRGEPQYISVGYVDDVQFQRCDSIEEIPRMEPRAPWMEKERPEYWKELKLKVKNIAQSARANLRT
LLRYYNQSEGGSHILQWMVSCEVGPDMRLLGAHYQAAYDGSDYITLNEDLSSWTAVDMVSQITKSRLESAGTAEYFRAYV
EGECLELLHRFLRNGKEILQRADPPKAHVAHHPRPKGDVTLRCWALGFYPADITLTWQKDEEDLTQDMELVETRPSGDGT
FQKWAAVVVPSGEEQRYTCYVHHEGLTEPLALKWRSHHHHHH
;
A,D
2 'polypeptide(L)'
;IQKTPQIQVYSRHPPENGKPNILNCYVTQFHPPHIEIQMLKNGKKIPKVEMSDMSFSKDWSFYILAHTEFTPTETDTYAC
RVKHDSMAEPKTVYWDRDM
;
B,E
3 'polypeptide(L)' (FME)FFINAL C,F
#
loop_
_chem_comp.id
_chem_comp.type
_chem_comp.name
_chem_comp.formula
NA non-polymer 'SODIUM ION' 'Na 1'
NAG D-saccharide, beta linking 2-acetamido-2-deoxy-beta-D-glucopyranose 'C8 H15 N O6'
#
# COMPACT_ATOMS: atom_id res chain seq x y z
N GLY A 1 11.66 16.29 -4.31
CA GLY A 1 11.97 17.69 -3.87
C GLY A 1 12.15 17.76 -2.36
N SER A 2 11.38 16.95 -1.66
CA SER A 2 11.45 16.89 -0.21
C SER A 2 12.72 16.15 0.21
N HIS A 3 13.07 16.28 1.49
CA HIS A 3 14.28 15.70 2.03
C HIS A 3 13.96 15.07 3.38
N SER A 4 14.66 13.97 3.69
CA SER A 4 14.43 13.22 4.93
C SER A 4 15.73 12.91 5.64
N LEU A 5 15.70 13.04 6.97
CA LEU A 5 16.72 12.49 7.86
C LEU A 5 16.19 11.17 8.45
N ARG A 6 16.94 10.05 8.25
CA ARG A 6 16.48 8.71 8.58
C ARG A 6 17.54 7.91 9.33
N TYR A 7 17.13 7.25 10.41
CA TYR A 7 17.99 6.38 11.20
C TYR A 7 17.40 4.97 11.22
N PHE A 8 18.26 3.98 11.05
CA PHE A 8 17.87 2.58 11.01
C PHE A 8 18.60 1.88 12.15
N HIS A 9 17.87 1.51 13.18
CA HIS A 9 18.41 0.99 14.43
C HIS A 9 18.18 -0.51 14.55
N THR A 10 19.22 -1.26 14.94
CA THR A 10 19.12 -2.70 15.21
C THR A 10 19.75 -3.04 16.56
N ALA A 11 19.03 -3.80 17.37
CA ALA A 11 19.62 -4.41 18.57
C ALA A 11 19.45 -5.93 18.55
N VAL A 12 20.49 -6.63 19.00
CA VAL A 12 20.53 -8.09 18.99
C VAL A 12 20.83 -8.59 20.39
N SER A 13 20.07 -9.58 20.86
CA SER A 13 20.17 -9.96 22.26
C SER A 13 21.35 -10.88 22.55
N ARG A 14 21.76 -11.74 21.62
CA ARG A 14 22.88 -12.65 21.85
C ARG A 14 23.72 -12.66 20.59
N PRO A 15 24.38 -11.55 20.30
CA PRO A 15 25.14 -11.45 19.05
C PRO A 15 26.31 -12.43 19.06
N GLY A 16 26.73 -12.82 17.86
CA GLY A 16 27.94 -13.60 17.74
C GLY A 16 29.12 -12.88 18.35
N ARG A 17 30.17 -13.65 18.62
CA ARG A 17 31.40 -13.05 19.12
C ARG A 17 31.88 -11.95 18.17
N GLY A 18 32.30 -10.83 18.75
CA GLY A 18 32.69 -9.67 17.97
C GLY A 18 31.58 -8.87 17.32
N GLU A 19 30.28 -9.37 17.34
CA GLU A 19 29.22 -8.68 16.62
C GLU A 19 28.55 -7.61 17.50
N PRO A 20 28.00 -6.55 16.91
CA PRO A 20 27.39 -5.50 17.74
C PRO A 20 26.13 -5.98 18.45
N GLN A 21 26.03 -5.59 19.72
CA GLN A 21 24.76 -5.68 20.42
C GLN A 21 23.79 -4.61 19.93
N TYR A 22 24.33 -3.50 19.43
CA TYR A 22 23.53 -2.41 18.91
C TYR A 22 24.29 -1.76 17.78
N ILE A 23 23.57 -1.41 16.69
CA ILE A 23 24.14 -0.68 15.55
C ILE A 23 23.06 0.21 14.95
N SER A 24 23.43 1.43 14.57
CA SER A 24 22.51 2.26 13.81
C SER A 24 23.25 2.99 12.71
N VAL A 25 22.59 3.13 11.57
CA VAL A 25 23.11 3.88 10.43
C VAL A 25 22.14 5.02 10.16
N GLY A 26 22.70 6.19 9.88
CA GLY A 26 21.94 7.39 9.58
C GLY A 26 22.16 7.81 8.13
N TYR A 27 21.06 8.23 7.49
CA TYR A 27 21.05 8.74 6.12
C TYR A 27 20.37 10.10 6.05
N VAL A 28 20.79 10.92 5.08
CA VAL A 28 19.92 11.95 4.51
C VAL A 28 19.59 11.49 3.09
N ASP A 29 18.29 11.36 2.80
CA ASP A 29 17.83 10.78 1.52
C ASP A 29 18.61 9.49 1.30
N ASP A 30 19.28 9.31 0.16
CA ASP A 30 19.93 8.05 -0.17
C ASP A 30 21.45 8.06 0.10
N VAL A 31 21.93 8.96 0.98
CA VAL A 31 23.37 9.09 1.29
C VAL A 31 23.59 8.83 2.78
N GLN A 32 24.42 7.82 3.09
CA GLN A 32 24.74 7.52 4.50
C GLN A 32 25.71 8.55 5.06
N PHE A 33 25.46 9.03 6.31
CA PHE A 33 26.39 9.97 6.93
C PHE A 33 27.10 9.44 8.19
N GLN A 34 26.63 8.37 8.83
CA GLN A 34 27.41 7.82 9.94
C GLN A 34 27.02 6.38 10.26
N ARG A 35 27.90 5.74 11.04
CA ARG A 35 27.68 4.47 11.72
C ARG A 35 27.93 4.65 13.22
N CYS A 36 27.00 4.16 14.06
CA CYS A 36 27.19 4.02 15.51
C CYS A 36 26.99 2.56 15.92
N ASP A 37 27.78 2.09 16.88
CA ASP A 37 27.53 0.75 17.41
C ASP A 37 28.03 0.63 18.84
N SER A 38 27.74 -0.52 19.43
CA SER A 38 28.20 -0.87 20.77
C SER A 38 28.52 -2.35 20.75
N ILE A 39 29.78 -2.69 21.03
CA ILE A 39 30.28 -4.06 21.02
C ILE A 39 30.92 -4.32 22.38
N GLU A 40 30.36 -5.28 23.12
CA GLU A 40 30.82 -5.57 24.48
C GLU A 40 30.85 -4.28 25.28
N GLU A 41 29.79 -3.49 25.14
CA GLU A 41 29.47 -2.27 25.87
C GLU A 41 30.35 -1.08 25.52
N ILE A 42 31.26 -1.19 24.56
CA ILE A 42 32.10 -0.06 24.16
C ILE A 42 31.42 0.65 22.99
N PRO A 43 31.06 1.93 23.13
CA PRO A 43 30.44 2.65 22.00
C PRO A 43 31.48 3.18 21.03
N ARG A 44 31.13 3.13 19.75
CA ARG A 44 31.98 3.63 18.69
C ARG A 44 31.13 4.35 17.65
N MET A 45 31.76 5.32 16.97
CA MET A 45 31.10 6.18 16.00
C MET A 45 32.06 6.41 14.84
N GLU A 46 31.54 6.41 13.61
CA GLU A 46 32.37 6.73 12.45
C GLU A 46 31.60 7.58 11.44
N PRO A 47 32.21 8.63 10.88
CA PRO A 47 31.57 9.41 9.82
C PRO A 47 31.64 8.66 8.50
N ARG A 48 30.67 8.92 7.64
CA ARG A 48 30.60 8.29 6.32
C ARG A 48 30.35 9.26 5.18
N ALA A 49 30.12 10.52 5.46
CA ALA A 49 29.95 11.51 4.40
C ALA A 49 30.86 12.70 4.67
N PRO A 50 31.29 13.41 3.63
CA PRO A 50 32.36 14.41 3.83
C PRO A 50 31.93 15.62 4.66
N TRP A 51 30.66 16.00 4.63
CA TRP A 51 30.23 17.14 5.43
C TRP A 51 30.33 16.87 6.93
N MET A 52 30.44 15.62 7.37
CA MET A 52 30.57 15.35 8.79
C MET A 52 31.90 15.84 9.36
N GLU A 53 32.87 16.15 8.51
CA GLU A 53 34.12 16.72 8.99
C GLU A 53 33.93 18.11 9.59
N LYS A 54 32.82 18.79 9.28
CA LYS A 54 32.55 20.11 9.81
C LYS A 54 31.87 20.08 11.17
N GLU A 55 31.44 18.92 11.65
CA GLU A 55 30.83 18.83 12.97
C GLU A 55 31.85 19.16 14.05
N ARG A 56 31.39 19.85 15.10
CA ARG A 56 32.23 20.20 16.23
C ARG A 56 32.47 18.97 17.12
N PRO A 57 33.56 18.95 17.88
CA PRO A 57 33.79 17.82 18.80
C PRO A 57 32.63 17.56 19.74
N GLU A 58 31.91 18.62 20.15
CA GLU A 58 30.76 18.45 21.03
C GLU A 58 29.68 17.56 20.42
N TYR A 59 29.54 17.55 19.09
CA TYR A 59 28.57 16.67 18.44
C TYR A 59 28.86 15.21 18.74
N TRP A 60 30.13 14.81 18.64
CA TRP A 60 30.48 13.40 18.81
C TRP A 60 30.43 12.98 20.28
N LYS A 61 30.78 13.90 21.20
CA LYS A 61 30.70 13.61 22.63
C LYS A 61 29.27 13.40 23.09
N GLU A 62 28.34 14.22 22.59
CA GLU A 62 26.92 14.01 22.88
C GLU A 62 26.41 12.72 22.25
N LEU A 63 26.83 12.44 21.02
CA LEU A 63 26.41 11.23 20.34
C LEU A 63 26.89 9.99 21.09
N LYS A 64 28.11 10.03 21.63
CA LYS A 64 28.62 8.85 22.33
C LYS A 64 27.73 8.49 23.50
N LEU A 65 27.29 9.49 24.27
CA LEU A 65 26.40 9.23 25.40
C LEU A 65 25.05 8.71 24.94
N LYS A 66 24.49 9.25 23.84
CA LYS A 66 23.25 8.69 23.32
C LYS A 66 23.40 7.21 22.95
N VAL A 67 24.55 6.84 22.35
CA VAL A 67 24.75 5.45 21.94
C VAL A 67 24.77 4.53 23.16
N LYS A 68 25.49 4.93 24.22
CA LYS A 68 25.52 4.12 25.43
C LYS A 68 24.12 3.95 26.02
N ASN A 69 23.33 5.03 26.09
CA ASN A 69 22.03 4.96 26.73
C ASN A 69 21.03 4.16 25.90
N ILE A 70 21.06 4.34 24.58
CA ILE A 70 20.16 3.59 23.70
C ILE A 70 20.45 2.10 23.75
N ALA A 71 21.72 1.73 23.76
CA ALA A 71 22.06 0.31 23.73
C ALA A 71 21.65 -0.37 25.01
N GLN A 72 21.83 0.32 26.14
CA GLN A 72 21.37 -0.21 27.42
C GLN A 72 19.85 -0.38 27.42
N SER A 73 19.13 0.63 26.93
CA SER A 73 17.68 0.57 26.90
C SER A 73 17.16 -0.53 25.96
N ALA A 74 17.75 -0.65 24.77
CA ALA A 74 17.30 -1.69 23.85
C ALA A 74 17.55 -3.08 24.43
N ARG A 75 18.67 -3.27 25.14
CA ARG A 75 18.96 -4.55 25.80
C ARG A 75 17.88 -4.88 26.82
N ALA A 76 17.49 -3.90 27.63
CA ALA A 76 16.44 -4.11 28.61
C ALA A 76 15.11 -4.43 27.94
N ASN A 77 14.80 -3.74 26.85
CA ASN A 77 13.56 -4.02 26.10
C ASN A 77 13.55 -5.42 25.50
N LEU A 78 14.69 -5.91 25.02
CA LEU A 78 14.75 -7.27 24.50
C LEU A 78 14.47 -8.27 25.61
N ARG A 79 14.97 -7.99 26.82
CA ARG A 79 14.70 -8.88 27.96
C ARG A 79 13.21 -8.93 28.27
N THR A 80 12.51 -7.78 28.22
CA THR A 80 11.09 -7.77 28.53
C THR A 80 10.27 -8.46 27.43
N LEU A 81 10.61 -8.19 26.16
CA LEU A 81 9.90 -8.81 25.04
C LEU A 81 10.00 -10.33 25.07
N LEU A 82 11.17 -10.86 25.42
CA LEU A 82 11.31 -12.31 25.59
C LEU A 82 10.26 -12.86 26.57
N ARG A 83 10.07 -12.17 27.71
CA ARG A 83 9.12 -12.65 28.71
C ARG A 83 7.69 -12.55 28.20
N TYR A 84 7.32 -11.40 27.65
CA TYR A 84 5.95 -11.21 27.20
C TYR A 84 5.60 -12.13 26.05
N TYR A 85 6.57 -12.53 25.23
CA TYR A 85 6.30 -13.48 24.17
C TYR A 85 6.61 -14.92 24.58
N ASN A 86 6.83 -15.17 25.87
CA ASN A 86 6.96 -16.53 26.41
C ASN A 86 8.04 -17.32 25.67
N GLN A 87 9.18 -16.67 25.45
CA GLN A 87 10.26 -17.26 24.68
C GLN A 87 11.40 -17.72 25.60
N SER A 88 12.22 -18.62 25.07
CA SER A 88 13.33 -19.23 25.82
C SER A 88 14.56 -18.31 25.86
N GLU A 89 15.37 -18.50 26.91
CA GLU A 89 16.48 -17.59 27.21
C GLU A 89 17.70 -17.79 26.33
N GLY A 90 17.81 -18.92 25.63
CA GLY A 90 19.03 -19.22 24.92
C GLY A 90 19.16 -18.52 23.58
N GLY A 91 18.04 -18.30 22.89
CA GLY A 91 18.09 -17.81 21.53
C GLY A 91 18.40 -16.32 21.44
N SER A 92 18.78 -15.90 20.23
CA SER A 92 19.05 -14.50 19.94
C SER A 92 17.83 -13.91 19.23
N HIS A 93 17.42 -12.73 19.67
CA HIS A 93 16.25 -12.07 19.11
C HIS A 93 16.65 -10.67 18.68
N ILE A 94 15.81 -10.07 17.83
CA ILE A 94 16.18 -8.85 17.11
C ILE A 94 15.11 -7.78 17.33
N LEU A 95 15.56 -6.60 17.72
CA LEU A 95 14.71 -5.41 17.84
C LEU A 95 15.18 -4.39 16.83
N GLN A 96 14.29 -3.94 15.95
CA GLN A 96 14.59 -2.91 14.96
C GLN A 96 13.63 -1.73 15.10
N TRP A 97 14.11 -0.50 14.85
CA TRP A 97 13.20 0.62 14.72
C TRP A 97 13.77 1.64 13.74
N MET A 98 12.87 2.43 13.17
CA MET A 98 13.17 3.50 12.22
C MET A 98 12.64 4.82 12.78
N VAL A 99 13.46 5.86 12.69
CA VAL A 99 13.16 7.21 13.15
C VAL A 99 13.45 8.14 11.97
N SER A 100 12.51 9.04 11.63
CA SER A 100 12.78 9.99 10.55
C SER A 100 11.97 11.27 10.72
N CYS A 101 12.42 12.32 10.02
CA CYS A 101 11.68 13.54 9.84
C CYS A 101 11.90 14.00 8.40
N GLU A 102 10.91 14.70 7.87
CA GLU A 102 10.81 15.04 6.46
C GLU A 102 10.50 16.53 6.33
N VAL A 103 11.23 17.25 5.46
CA VAL A 103 10.92 18.64 5.14
C VAL A 103 10.66 18.78 3.65
N GLY A 104 9.96 19.85 3.30
CA GLY A 104 9.69 20.19 1.94
C GLY A 104 10.78 21.03 1.32
N PRO A 105 10.56 21.44 0.07
CA PRO A 105 11.57 22.28 -0.60
C PRO A 105 11.99 23.49 0.21
N ASP A 106 11.04 24.16 0.87
CA ASP A 106 11.29 25.37 1.63
C ASP A 106 11.72 25.09 3.06
N MET A 107 12.14 23.85 3.36
CA MET A 107 12.62 23.43 4.67
C MET A 107 11.53 23.39 5.73
N ARG A 108 10.26 23.42 5.33
CA ARG A 108 9.17 23.28 6.29
C ARG A 108 8.92 21.83 6.62
N LEU A 109 8.70 21.55 7.91
CA LEU A 109 8.42 20.19 8.34
C LEU A 109 7.12 19.69 7.72
N LEU A 110 7.17 18.48 7.14
CA LEU A 110 6.00 17.82 6.57
C LEU A 110 5.52 16.61 7.36
N GLY A 111 6.42 15.90 8.03
CA GLY A 111 5.99 14.77 8.83
C GLY A 111 7.17 14.11 9.49
N ALA A 112 6.88 13.01 10.20
CA ALA A 112 7.90 12.22 10.85
C ALA A 112 7.37 10.81 11.05
N HIS A 113 8.28 9.91 11.45
CA HIS A 113 7.98 8.49 11.63
C HIS A 113 8.74 7.91 12.82
N TYR A 114 8.05 7.02 13.54
CA TYR A 114 8.64 6.11 14.51
C TYR A 114 7.92 4.79 14.35
N GLN A 115 8.68 3.73 14.03
CA GLN A 115 8.12 2.41 13.78
C GLN A 115 9.12 1.35 14.25
N ALA A 116 8.61 0.29 14.91
CA ALA A 116 9.43 -0.76 15.51
C ALA A 116 8.94 -2.12 15.05
N ALA A 117 9.90 -3.06 15.03
CA ALA A 117 9.70 -4.47 14.65
C ALA A 117 10.43 -5.37 15.64
N TYR A 118 9.83 -6.52 15.93
CA TYR A 118 10.46 -7.55 16.76
C TYR A 118 10.58 -8.82 15.93
N ASP A 119 11.81 -9.31 15.80
CA ASP A 119 12.15 -10.53 15.06
C ASP A 119 11.65 -10.45 13.60
N GLY A 120 11.74 -9.27 13.02
CA GLY A 120 11.48 -9.07 11.60
C GLY A 120 10.05 -8.78 11.20
N SER A 121 9.13 -8.63 12.17
CA SER A 121 7.71 -8.38 11.93
C SER A 121 7.27 -7.10 12.63
N ASP A 122 6.38 -6.32 12.00
CA ASP A 122 5.86 -5.10 12.64
C ASP A 122 5.45 -5.37 14.09
N TYR A 123 5.75 -4.40 14.95
CA TYR A 123 5.36 -4.41 16.36
C TYR A 123 4.46 -3.21 16.70
N ILE A 124 4.94 -1.97 16.53
CA ILE A 124 4.10 -0.79 16.74
C ILE A 124 4.56 0.31 15.78
N THR A 125 3.62 1.19 15.44
CA THR A 125 3.81 2.28 14.48
C THR A 125 3.18 3.56 15.03
N LEU A 126 3.91 4.68 14.99
CA LEU A 126 3.32 5.97 15.33
C LEU A 126 2.56 6.48 14.12
N ASN A 127 1.32 6.95 14.32
CA ASN A 127 0.47 7.32 13.21
C ASN A 127 0.83 8.70 12.67
N GLU A 128 0.32 9.01 11.48
CA GLU A 128 0.47 10.30 10.81
C GLU A 128 0.34 11.49 11.76
N ASP A 129 -0.62 11.42 12.69
CA ASP A 129 -0.92 12.53 13.59
C ASP A 129 0.20 12.78 14.61
N LEU A 130 1.18 11.88 14.70
CA LEU A 130 2.26 11.96 15.69
C LEU A 130 1.73 12.00 17.11
N SER A 131 0.55 11.40 17.32
CA SER A 131 -0.05 11.34 18.67
C SER A 131 -0.61 9.96 19.04
N SER A 132 -1.13 9.19 18.09
CA SER A 132 -1.67 7.87 18.42
C SER A 132 -0.84 6.78 17.76
N TRP A 133 -1.03 5.55 18.24
CA TRP A 133 -0.22 4.41 17.83
C TRP A 133 -1.09 3.29 17.25
N THR A 134 -0.46 2.45 16.41
CA THR A 134 -1.09 1.28 15.79
C THR A 134 -0.35 0.02 16.25
N ALA A 135 -1.05 -0.87 16.94
CA ALA A 135 -0.50 -2.15 17.38
C ALA A 135 -0.97 -3.29 16.48
N VAL A 136 -0.29 -4.44 16.64
CA VAL A 136 -0.54 -5.62 15.82
C VAL A 136 -1.08 -6.81 16.62
N ASP A 137 -0.99 -6.79 17.94
CA ASP A 137 -1.37 -7.92 18.80
C ASP A 137 -1.53 -7.42 20.23
N MET A 138 -1.79 -8.34 21.17
CA MET A 138 -2.11 -7.93 22.53
C MET A 138 -0.88 -7.44 23.32
N VAL A 139 0.31 -7.92 23.01
CA VAL A 139 1.52 -7.40 23.65
C VAL A 139 1.76 -5.95 23.25
N SER A 140 1.80 -5.67 21.94
CA SER A 140 1.95 -4.31 21.47
C SER A 140 0.76 -3.41 21.87
N GLN A 141 -0.43 -3.98 22.06
CA GLN A 141 -1.54 -3.20 22.59
C GLN A 141 -1.26 -2.69 24.00
N ILE A 142 -0.60 -3.50 24.84
CA ILE A 142 -0.17 -3.05 26.17
C ILE A 142 0.80 -1.89 26.06
N THR A 143 1.75 -1.99 25.13
CA THR A 143 2.68 -0.90 24.86
C THR A 143 1.93 0.37 24.46
N LYS A 144 1.03 0.25 23.48
CA LYS A 144 0.21 1.39 23.06
C LYS A 144 -0.50 2.03 24.25
N SER A 145 -1.18 1.20 25.06
CA SER A 145 -1.94 1.70 26.20
C SER A 145 -1.06 2.51 27.13
N ARG A 146 0.15 2.02 27.39
CA ARG A 146 1.08 2.70 28.29
C ARG A 146 1.63 3.98 27.66
N LEU A 147 1.99 3.93 26.37
CA LEU A 147 2.47 5.14 25.70
C LEU A 147 1.41 6.23 25.69
N GLU A 148 0.13 5.88 25.45
CA GLU A 148 -0.90 6.92 25.35
C GLU A 148 -1.32 7.46 26.73
N SER A 149 -1.29 6.62 27.77
CA SER A 149 -1.48 7.09 29.15
C SER A 149 -0.34 8.00 29.61
N ALA A 150 0.88 7.66 29.25
CA ALA A 150 2.03 8.48 29.63
C ALA A 150 2.15 9.75 28.78
N GLY A 151 1.48 9.81 27.62
CA GLY A 151 1.68 10.91 26.70
C GLY A 151 3.05 10.96 26.06
N THR A 152 3.66 9.79 25.82
CA THR A 152 5.07 9.72 25.47
C THR A 152 5.37 10.29 24.09
N ALA A 153 4.38 10.31 23.18
CA ALA A 153 4.59 10.91 21.86
C ALA A 153 4.92 12.40 21.93
N GLU A 154 4.54 13.08 23.02
CA GLU A 154 4.97 14.47 23.20
C GLU A 154 6.48 14.59 23.08
N TYR A 155 7.21 13.63 23.64
CA TYR A 155 8.66 13.76 23.69
C TYR A 155 9.29 13.38 22.37
N PHE A 156 8.59 12.57 21.57
CA PHE A 156 9.06 12.34 20.22
C PHE A 156 8.89 13.58 19.36
N ARG A 157 7.72 14.24 19.46
CA ARG A 157 7.50 15.48 18.71
C ARG A 157 8.54 16.54 19.08
N ALA A 158 8.92 16.60 20.36
CA ALA A 158 9.98 17.54 20.75
C ALA A 158 11.32 17.17 20.12
N TYR A 159 11.60 15.87 19.96
CA TYR A 159 12.81 15.46 19.24
C TYR A 159 12.71 15.86 17.76
N VAL A 160 11.55 15.61 17.15
CA VAL A 160 11.35 15.96 15.73
C VAL A 160 11.57 17.45 15.52
N GLU A 161 10.93 18.31 16.36
CA GLU A 161 10.96 19.76 16.20
C GLU A 161 12.24 20.37 16.75
N GLY A 162 13.08 19.56 17.41
CA GLY A 162 14.35 20.02 17.91
C GLY A 162 15.51 19.40 17.16
N GLU A 163 16.11 18.34 17.72
CA GLU A 163 17.35 17.83 17.14
C GLU A 163 17.17 17.31 15.71
N CYS A 164 16.03 16.70 15.38
CA CYS A 164 15.90 16.17 14.02
C CYS A 164 15.93 17.32 13.01
N LEU A 165 15.15 18.35 13.25
CA LEU A 165 15.12 19.52 12.37
C LEU A 165 16.47 20.23 12.31
N GLU A 166 17.13 20.40 13.46
CA GLU A 166 18.46 21.02 13.51
C GLU A 166 19.46 20.31 12.60
N LEU A 167 19.54 18.98 12.71
CA LEU A 167 20.53 18.21 11.96
C LEU A 167 20.21 18.21 10.47
N LEU A 168 18.93 18.01 10.11
CA LEU A 168 18.56 17.99 8.71
C LEU A 168 18.91 19.30 8.06
N HIS A 169 18.63 20.42 8.74
CA HIS A 169 18.98 21.75 8.23
C HIS A 169 20.49 21.90 8.04
N ARG A 170 21.27 21.53 9.06
CA ARG A 170 22.72 21.73 8.99
C ARG A 170 23.34 20.81 7.93
N PHE A 171 22.89 19.56 7.84
CA PHE A 171 23.44 18.62 6.86
C PHE A 171 23.07 19.02 5.43
N LEU A 172 21.83 19.48 5.21
CA LEU A 172 21.47 19.96 3.88
C LEU A 172 22.30 21.18 3.49
N ARG A 173 22.66 22.02 4.45
CA ARG A 173 23.50 23.17 4.13
C ARG A 173 24.94 22.72 3.86
N ASN A 174 25.53 21.97 4.79
CA ASN A 174 26.95 21.61 4.64
C ASN A 174 27.18 20.60 3.53
N GLY A 175 26.19 19.75 3.22
CA GLY A 175 26.29 18.77 2.15
C GLY A 175 25.48 19.12 0.90
N LYS A 176 25.23 20.42 0.69
CA LYS A 176 24.34 20.84 -0.38
C LYS A 176 24.71 20.23 -1.74
N GLU A 177 26.00 20.26 -2.09
CA GLU A 177 26.43 19.79 -3.42
C GLU A 177 26.08 18.33 -3.63
N ILE A 178 26.23 17.49 -2.60
CA ILE A 178 25.93 16.07 -2.73
C ILE A 178 24.43 15.78 -2.63
N LEU A 179 23.71 16.53 -1.79
CA LEU A 179 22.34 16.16 -1.40
C LEU A 179 21.26 16.84 -2.23
N GLN A 180 21.48 18.09 -2.63
CA GLN A 180 20.47 18.82 -3.39
C GLN A 180 20.80 18.68 -4.87
N ARG A 181 20.58 17.46 -5.37
CA ARG A 181 20.94 17.14 -6.74
C ARG A 181 20.13 15.96 -7.27
N ALA A 182 19.98 15.90 -8.59
CA ALA A 182 19.46 14.71 -9.27
C ALA A 182 20.36 14.43 -10.46
N ASP A 183 20.98 13.22 -10.48
CA ASP A 183 21.76 12.76 -11.64
C ASP A 183 20.86 11.90 -12.52
N PRO A 184 20.63 12.22 -13.79
CA PRO A 184 19.73 11.37 -14.63
C PRO A 184 20.41 10.07 -15.03
N PRO A 185 19.63 9.05 -15.37
CA PRO A 185 20.24 7.79 -15.84
C PRO A 185 20.85 7.95 -17.22
N LYS A 186 21.99 7.33 -17.42
CA LYS A 186 22.53 7.10 -18.76
C LYS A 186 22.12 5.69 -19.17
N ALA A 187 21.39 5.59 -20.28
CA ALA A 187 20.66 4.37 -20.59
C ALA A 187 21.02 3.87 -21.98
N HIS A 188 21.10 2.55 -22.12
CA HIS A 188 21.35 1.92 -23.42
C HIS A 188 20.77 0.51 -23.43
N VAL A 189 20.60 -0.04 -24.63
CA VAL A 189 20.07 -1.38 -24.84
C VAL A 189 21.20 -2.26 -25.37
N ALA A 190 21.45 -3.38 -24.68
CA ALA A 190 22.43 -4.39 -25.07
C ALA A 190 21.73 -5.60 -25.71
N HIS A 191 22.45 -6.28 -26.60
CA HIS A 191 21.91 -7.35 -27.46
C HIS A 191 22.76 -8.60 -27.30
N HIS A 192 22.13 -9.74 -26.96
CA HIS A 192 22.86 -10.98 -26.68
C HIS A 192 22.20 -12.19 -27.34
N PRO A 193 22.76 -12.71 -28.43
CA PRO A 193 22.23 -13.94 -29.01
C PRO A 193 22.33 -15.10 -28.03
N ARG A 194 21.33 -16.00 -28.11
CA ARG A 194 21.24 -17.18 -27.27
C ARG A 194 21.42 -18.45 -28.09
N PRO A 195 21.94 -19.53 -27.47
CA PRO A 195 22.34 -20.72 -28.24
C PRO A 195 21.21 -21.36 -29.03
N LYS A 196 19.96 -21.01 -28.74
CA LYS A 196 18.80 -21.61 -29.39
C LYS A 196 18.25 -20.77 -30.54
N GLY A 197 18.82 -19.58 -30.80
CA GLY A 197 18.46 -18.78 -31.94
C GLY A 197 17.69 -17.51 -31.61
N ASP A 198 17.16 -17.38 -30.40
CA ASP A 198 16.47 -16.16 -30.00
C ASP A 198 17.51 -15.21 -29.39
N VAL A 199 17.05 -14.09 -28.83
CA VAL A 199 17.92 -12.99 -28.43
C VAL A 199 17.48 -12.46 -27.07
N THR A 200 18.45 -12.12 -26.21
CA THR A 200 18.17 -11.35 -25.00
C THR A 200 18.40 -9.86 -25.28
N LEU A 201 17.38 -9.04 -25.01
CA LEU A 201 17.51 -7.58 -25.00
C LEU A 201 17.60 -7.11 -23.54
N ARG A 202 18.69 -6.43 -23.18
CA ARG A 202 18.88 -5.95 -21.82
C ARG A 202 18.99 -4.43 -21.82
N CYS A 203 18.03 -3.77 -21.18
CA CYS A 203 17.97 -2.32 -21.07
C CYS A 203 18.63 -1.90 -19.76
N TRP A 204 19.72 -1.15 -19.87
CA TRP A 204 20.56 -0.68 -18.77
C TRP A 204 20.30 0.79 -18.43
N ALA A 205 20.39 1.12 -17.14
CA ALA A 205 20.39 2.51 -16.68
C ALA A 205 21.46 2.66 -15.62
N LEU A 206 22.43 3.55 -15.87
CA LEU A 206 23.58 3.70 -15.01
C LEU A 206 23.72 5.14 -14.52
N GLY A 207 24.32 5.29 -13.35
CA GLY A 207 24.84 6.56 -12.90
C GLY A 207 23.79 7.55 -12.41
N PHE A 208 22.66 7.06 -11.90
CA PHE A 208 21.56 7.93 -11.51
C PHE A 208 21.49 8.11 -9.99
N TYR A 209 20.92 9.24 -9.57
CA TYR A 209 20.68 9.57 -8.15
C TYR A 209 19.49 10.53 -8.13
N PRO A 210 18.47 10.33 -7.25
CA PRO A 210 18.36 9.26 -6.25
C PRO A 210 18.02 7.88 -6.83
N ALA A 211 17.91 6.90 -5.95
CA ALA A 211 17.75 5.51 -6.36
C ALA A 211 16.43 5.22 -7.07
N ASP A 212 15.36 5.93 -6.73
CA ASP A 212 14.04 5.55 -7.23
C ASP A 212 14.02 5.64 -8.75
N ILE A 213 13.62 4.56 -9.42
CA ILE A 213 13.58 4.55 -10.89
C ILE A 213 12.54 3.53 -11.34
N THR A 214 12.10 3.66 -12.60
CA THR A 214 11.24 2.64 -13.23
C THR A 214 11.77 2.32 -14.61
N LEU A 215 11.94 1.02 -14.91
CA LEU A 215 12.27 0.50 -16.23
C LEU A 215 11.17 -0.45 -16.68
N THR A 216 10.69 -0.26 -17.92
CA THR A 216 9.63 -1.07 -18.48
C THR A 216 9.96 -1.42 -19.93
N TRP A 217 9.66 -2.65 -20.34
CA TRP A 217 9.66 -3.06 -21.74
C TRP A 217 8.22 -3.11 -22.24
N GLN A 218 8.04 -2.77 -23.51
CA GLN A 218 6.72 -2.79 -24.12
C GLN A 218 6.87 -3.33 -25.54
N LYS A 219 5.97 -4.23 -25.91
CA LYS A 219 5.89 -4.73 -27.28
C LYS A 219 4.79 -3.96 -27.99
N ASP A 220 5.06 -3.63 -29.26
CA ASP A 220 4.16 -2.87 -30.12
C ASP A 220 2.81 -2.61 -29.45
N GLU A 221 1.95 -3.62 -29.48
CA GLU A 221 0.65 -3.59 -28.81
C GLU A 221 0.52 -4.90 -28.04
N GLU A 222 1.20 -4.97 -26.91
CA GLU A 222 1.18 -6.14 -26.04
C GLU A 222 1.96 -5.81 -24.78
N ASP A 223 1.46 -6.20 -23.61
CA ASP A 223 2.07 -5.83 -22.34
C ASP A 223 3.05 -6.92 -21.90
N LEU A 224 4.25 -6.53 -21.48
CA LEU A 224 5.33 -7.47 -21.21
C LEU A 224 5.66 -7.61 -19.72
N THR A 225 4.73 -7.25 -18.84
CA THR A 225 4.96 -7.28 -17.40
C THR A 225 5.47 -8.63 -16.92
N GLN A 226 4.79 -9.72 -17.30
CA GLN A 226 5.16 -11.06 -16.84
C GLN A 226 6.35 -11.61 -17.60
N ASP A 227 6.74 -10.97 -18.69
CA ASP A 227 7.79 -11.46 -19.55
C ASP A 227 9.19 -11.00 -19.12
N MET A 228 9.31 -9.85 -18.47
CA MET A 228 10.65 -9.32 -18.31
C MET A 228 11.29 -9.81 -17.01
N GLU A 229 12.62 -9.86 -17.01
CA GLU A 229 13.41 -10.06 -15.81
C GLU A 229 13.94 -8.72 -15.37
N LEU A 230 13.66 -8.35 -14.13
CA LEU A 230 13.97 -7.03 -13.60
C LEU A 230 14.80 -7.20 -12.34
N VAL A 231 16.06 -6.62 -12.31
CA VAL A 231 16.89 -6.76 -11.11
C VAL A 231 16.59 -5.63 -10.14
N GLU A 232 16.73 -5.94 -8.86
CA GLU A 232 16.58 -4.94 -7.80
C GLU A 232 17.62 -3.83 -7.99
N THR A 233 17.18 -2.58 -7.88
CA THR A 233 18.10 -1.44 -8.00
C THR A 233 19.29 -1.59 -7.05
N ARG A 234 20.50 -1.26 -7.55
CA ARG A 234 21.71 -1.56 -6.82
C ARG A 234 22.76 -0.47 -6.85
N PRO A 235 23.50 -0.30 -5.76
CA PRO A 235 24.51 0.77 -5.70
C PRO A 235 25.76 0.43 -6.50
N SER A 236 26.27 1.42 -7.24
CA SER A 236 27.54 1.26 -7.94
C SER A 236 28.73 1.42 -7.02
N GLY A 237 28.55 2.09 -5.90
CA GLY A 237 29.58 2.27 -4.89
C GLY A 237 30.21 3.65 -4.85
N ASP A 238 29.91 4.48 -5.84
CA ASP A 238 30.45 5.84 -5.95
C ASP A 238 29.42 6.91 -5.61
N GLY A 239 28.26 6.51 -5.10
CA GLY A 239 27.18 7.43 -4.81
C GLY A 239 26.07 7.46 -5.85
N THR A 240 26.17 6.63 -6.89
CA THR A 240 25.11 6.47 -7.89
C THR A 240 24.62 5.01 -7.90
N PHE A 241 23.52 4.82 -8.64
CA PHE A 241 22.77 3.56 -8.65
C PHE A 241 22.63 3.07 -10.09
N GLN A 242 22.38 1.76 -10.23
CA GLN A 242 22.19 1.14 -11.55
C GLN A 242 21.09 0.08 -11.47
N LYS A 243 20.56 -0.28 -12.64
CA LYS A 243 19.48 -1.27 -12.76
C LYS A 243 19.41 -1.75 -14.20
N TRP A 244 18.87 -2.96 -14.42
CA TRP A 244 18.51 -3.36 -15.79
C TRP A 244 17.21 -4.17 -15.80
N ALA A 245 16.62 -4.27 -17.00
CA ALA A 245 15.44 -5.07 -17.29
C ALA A 245 15.62 -5.75 -18.63
N ALA A 246 15.31 -7.06 -18.71
CA ALA A 246 15.59 -7.86 -19.89
C ALA A 246 14.37 -8.67 -20.32
N VAL A 247 14.26 -8.89 -21.63
CA VAL A 247 13.26 -9.73 -22.27
C VAL A 247 13.95 -10.60 -23.30
N VAL A 248 13.40 -11.78 -23.55
CA VAL A 248 13.89 -12.68 -24.59
C VAL A 248 12.95 -12.60 -25.78
N VAL A 249 13.49 -12.38 -26.97
CA VAL A 249 12.66 -12.08 -28.14
C VAL A 249 13.16 -12.86 -29.33
N PRO A 250 12.30 -13.07 -30.31
CA PRO A 250 12.71 -13.84 -31.50
C PRO A 250 13.68 -13.05 -32.37
N SER A 251 14.63 -13.77 -32.96
CA SER A 251 15.57 -13.14 -33.86
C SER A 251 14.84 -12.48 -35.02
N GLY A 252 15.15 -11.21 -35.26
CA GLY A 252 14.58 -10.47 -36.36
C GLY A 252 13.45 -9.53 -35.99
N GLU A 253 12.94 -9.61 -34.76
CA GLU A 253 11.81 -8.81 -34.30
C GLU A 253 12.22 -7.79 -33.24
N GLU A 254 13.52 -7.53 -33.10
CA GLU A 254 14.02 -6.70 -32.00
C GLU A 254 13.44 -5.29 -32.03
N GLN A 255 13.07 -4.79 -33.20
CA GLN A 255 12.54 -3.44 -33.32
C GLN A 255 11.07 -3.32 -32.95
N ARG A 256 10.40 -4.43 -32.63
CA ARG A 256 9.06 -4.37 -32.06
C ARG A 256 9.05 -3.99 -30.58
N TYR A 257 10.22 -3.86 -29.95
CA TYR A 257 10.35 -3.75 -28.51
C TYR A 257 10.95 -2.39 -28.11
N THR A 258 10.47 -1.84 -27.01
CA THR A 258 10.88 -0.51 -26.58
C THR A 258 11.01 -0.50 -25.07
N CYS A 259 12.11 0.06 -24.58
CA CYS A 259 12.34 0.22 -23.15
C CYS A 259 12.01 1.66 -22.76
N TYR A 260 11.30 1.84 -21.65
CA TYR A 260 10.98 3.16 -21.12
C TYR A 260 11.62 3.32 -19.76
N VAL A 261 12.23 4.49 -19.55
CA VAL A 261 12.92 4.81 -18.30
C VAL A 261 12.27 6.05 -17.70
N HIS A 262 11.94 5.99 -16.41
CA HIS A 262 11.34 7.12 -15.70
C HIS A 262 12.22 7.42 -14.49
N HIS A 263 12.64 8.69 -14.35
CA HIS A 263 13.50 9.12 -13.25
C HIS A 263 13.30 10.62 -13.01
N GLU A 264 13.54 11.05 -11.76
CA GLU A 264 13.38 12.45 -11.36
C GLU A 264 14.24 13.40 -12.18
N GLY A 265 15.43 12.96 -12.59
CA GLY A 265 16.35 13.78 -13.35
C GLY A 265 16.02 13.94 -14.84
N LEU A 266 15.04 13.21 -15.36
CA LEU A 266 14.61 13.37 -16.75
C LEU A 266 13.44 14.34 -16.86
N THR A 267 13.38 15.04 -18.01
CA THR A 267 12.26 15.93 -18.30
C THR A 267 11.01 15.17 -18.71
N GLU A 268 11.16 13.95 -19.21
CA GLU A 268 10.05 13.11 -19.66
C GLU A 268 10.55 11.68 -19.71
N PRO A 269 9.64 10.70 -19.75
CA PRO A 269 10.08 9.32 -19.94
C PRO A 269 10.97 9.18 -21.16
N LEU A 270 12.10 8.52 -20.98
CA LEU A 270 13.01 8.20 -22.08
C LEU A 270 12.61 6.89 -22.75
N ALA A 271 12.64 6.85 -24.08
CA ALA A 271 12.28 5.65 -24.84
C ALA A 271 13.49 5.18 -25.64
N LEU A 272 13.84 3.89 -25.49
CA LEU A 272 15.03 3.32 -26.12
C LEU A 272 14.69 2.04 -26.89
N LYS A 273 15.39 1.84 -28.00
CA LYS A 273 15.34 0.60 -28.76
C LYS A 273 16.76 0.09 -28.98
N TRP A 274 16.87 -1.18 -29.40
CA TRP A 274 18.17 -1.72 -29.81
C TRP A 274 18.61 -1.01 -31.07
N ARG A 275 19.77 -0.36 -31.03
CA ARG A 275 20.26 0.41 -32.16
C ARG A 275 21.09 -0.50 -33.05
N SER A 276 20.54 -0.84 -34.22
CA SER A 276 21.23 -1.61 -35.26
C SER A 276 20.21 -2.12 -36.28
N ILE B 1 10.99 -14.24 12.08
CA ILE B 1 10.91 -14.73 10.67
C ILE B 1 12.29 -15.18 10.25
N GLN B 2 12.39 -15.77 9.06
CA GLN B 2 13.67 -16.04 8.43
C GLN B 2 13.55 -15.81 6.92
N LYS B 3 14.48 -15.06 6.36
CA LYS B 3 14.42 -14.69 4.94
C LYS B 3 15.77 -14.92 4.28
N THR B 4 15.76 -15.52 3.08
CA THR B 4 16.93 -15.97 2.35
C THR B 4 17.54 -14.85 1.50
N PRO B 5 18.87 -14.67 1.52
CA PRO B 5 19.50 -13.59 0.74
C PRO B 5 19.32 -13.74 -0.77
N GLN B 6 19.12 -12.59 -1.42
CA GLN B 6 19.26 -12.44 -2.87
C GLN B 6 20.62 -11.81 -3.17
N ILE B 7 21.29 -12.31 -4.19
CA ILE B 7 22.69 -11.97 -4.47
C ILE B 7 22.83 -11.42 -5.89
N GLN B 8 23.57 -10.31 -6.07
CA GLN B 8 23.91 -9.78 -7.38
C GLN B 8 25.39 -9.48 -7.42
N VAL B 9 26.08 -9.93 -8.47
CA VAL B 9 27.52 -9.69 -8.68
C VAL B 9 27.68 -8.89 -9.97
N TYR B 10 28.35 -7.73 -9.88
CA TYR B 10 28.39 -6.81 -11.02
C TYR B 10 29.49 -5.76 -10.86
N SER B 11 29.86 -5.13 -11.98
CA SER B 11 30.92 -4.12 -11.97
C SER B 11 30.35 -2.72 -11.76
N ARG B 12 31.18 -1.85 -11.16
CA ARG B 12 30.77 -0.48 -10.95
C ARG B 12 30.56 0.23 -12.29
N HIS B 13 31.53 0.09 -13.19
CA HIS B 13 31.53 0.67 -14.52
C HIS B 13 31.36 -0.44 -15.54
N PRO B 14 30.83 -0.18 -16.72
CA PRO B 14 30.75 -1.22 -17.76
C PRO B 14 32.12 -1.79 -18.01
N PRO B 15 32.23 -3.11 -18.14
CA PRO B 15 33.56 -3.72 -18.15
C PRO B 15 34.24 -3.63 -19.51
N GLU B 16 35.56 -3.51 -19.47
CA GLU B 16 36.39 -3.54 -20.67
C GLU B 16 37.68 -4.28 -20.32
N ASN B 17 37.99 -5.32 -21.08
CA ASN B 17 39.16 -6.14 -20.76
C ASN B 17 40.41 -5.28 -20.63
N GLY B 18 41.17 -5.53 -19.55
CA GLY B 18 42.44 -4.87 -19.31
C GLY B 18 42.35 -3.57 -18.55
N LYS B 19 41.11 -3.01 -18.30
CA LYS B 19 40.95 -1.71 -17.64
C LYS B 19 40.52 -1.87 -16.18
N PRO B 20 41.21 -1.27 -15.22
CA PRO B 20 40.82 -1.43 -13.81
C PRO B 20 39.40 -0.95 -13.55
N ASN B 21 38.76 -1.61 -12.59
CA ASN B 21 37.32 -1.45 -12.29
C ASN B 21 37.11 -1.83 -10.82
N ILE B 22 35.84 -1.92 -10.40
CA ILE B 22 35.47 -2.31 -9.05
C ILE B 22 34.41 -3.39 -9.18
N LEU B 23 34.59 -4.52 -8.49
CA LEU B 23 33.62 -5.62 -8.49
C LEU B 23 32.74 -5.56 -7.25
N ASN B 24 31.42 -5.54 -7.44
CA ASN B 24 30.42 -5.45 -6.36
C ASN B 24 29.69 -6.77 -6.12
N CYS B 25 29.44 -7.10 -4.85
CA CYS B 25 28.55 -8.20 -4.44
C CYS B 25 27.50 -7.60 -3.51
N TYR B 26 26.29 -7.44 -4.01
CA TYR B 26 25.21 -6.77 -3.28
C TYR B 26 24.23 -7.83 -2.82
N VAL B 27 24.03 -7.93 -1.50
CA VAL B 27 23.25 -8.99 -0.88
C VAL B 27 22.08 -8.35 -0.16
N THR B 28 20.86 -8.77 -0.48
CA THR B 28 19.66 -8.12 0.04
C THR B 28 18.64 -9.15 0.53
N GLN B 29 17.57 -8.63 1.17
CA GLN B 29 16.36 -9.36 1.48
C GLN B 29 16.58 -10.53 2.47
N PHE B 30 17.51 -10.38 3.41
CA PHE B 30 17.79 -11.43 4.40
C PHE B 30 17.47 -11.01 5.84
N HIS B 31 17.16 -12.01 6.66
CA HIS B 31 16.86 -11.84 8.08
C HIS B 31 17.06 -13.19 8.75
N PRO B 32 17.78 -13.29 9.87
CA PRO B 32 18.46 -12.28 10.67
C PRO B 32 19.72 -11.68 10.03
N PRO B 33 20.41 -10.76 10.71
CA PRO B 33 21.48 -10.02 10.03
C PRO B 33 22.84 -10.72 9.94
N HIS B 34 23.12 -11.77 10.71
CA HIS B 34 24.40 -12.47 10.56
C HIS B 34 24.59 -12.99 9.15
N ILE B 35 25.76 -12.76 8.56
CA ILE B 35 26.02 -13.21 7.19
C ILE B 35 27.53 -13.26 6.97
N GLU B 36 27.95 -14.16 6.05
CA GLU B 36 29.35 -14.38 5.69
C GLU B 36 29.47 -14.22 4.18
N ILE B 37 30.37 -13.36 3.75
CA ILE B 37 30.56 -13.05 2.34
C ILE B 37 32.04 -13.14 2.02
N GLN B 38 32.40 -13.93 1.00
CA GLN B 38 33.74 -13.95 0.45
C GLN B 38 33.71 -13.69 -1.06
N MET B 39 34.84 -13.23 -1.60
CA MET B 39 34.98 -13.08 -3.04
C MET B 39 36.22 -13.84 -3.49
N LEU B 40 36.16 -14.40 -4.72
CA LEU B 40 37.21 -15.27 -5.22
C LEU B 40 37.60 -14.92 -6.65
N LYS B 41 38.91 -15.00 -6.95
CA LYS B 41 39.43 -14.81 -8.29
C LYS B 41 40.12 -16.11 -8.70
N ASN B 42 39.69 -16.68 -9.83
CA ASN B 42 40.34 -17.88 -10.34
C ASN B 42 40.53 -18.93 -9.24
N GLY B 43 39.51 -19.08 -8.39
CA GLY B 43 39.54 -20.10 -7.36
C GLY B 43 40.29 -19.76 -6.09
N LYS B 44 40.84 -18.56 -5.96
CA LYS B 44 41.52 -18.14 -4.73
C LYS B 44 40.76 -17.04 -4.01
N LYS B 45 40.63 -17.16 -2.71
CA LYS B 45 40.00 -16.09 -1.94
C LYS B 45 40.73 -14.77 -2.11
N ILE B 46 39.95 -13.69 -2.24
CA ILE B 46 40.49 -12.33 -2.33
C ILE B 46 40.56 -11.75 -0.91
N PRO B 47 41.74 -11.47 -0.37
CA PRO B 47 41.79 -11.00 1.03
C PRO B 47 41.28 -9.58 1.21
N LYS B 48 41.36 -8.73 0.19
CA LYS B 48 41.14 -7.29 0.35
C LYS B 48 39.73 -6.92 -0.11
N VAL B 49 38.72 -7.38 0.63
CA VAL B 49 37.33 -7.10 0.30
C VAL B 49 36.77 -6.10 1.31
N GLU B 50 36.24 -5.00 0.78
CA GLU B 50 35.67 -3.95 1.61
C GLU B 50 34.21 -4.28 1.86
N MET B 51 33.74 -3.99 3.07
CA MET B 51 32.35 -4.24 3.45
C MET B 51 31.73 -2.91 3.87
N SER B 52 30.60 -2.56 3.25
CA SER B 52 29.79 -1.44 3.75
C SER B 52 29.17 -1.79 5.11
N ASP B 53 28.71 -0.76 5.79
CA ASP B 53 27.90 -1.02 6.97
C ASP B 53 26.63 -1.72 6.56
N MET B 54 26.11 -2.56 7.44
CA MET B 54 24.84 -3.21 7.17
C MET B 54 23.70 -2.26 7.52
N SER B 55 22.63 -2.30 6.71
CA SER B 55 21.43 -1.48 6.91
C SER B 55 20.20 -2.36 6.68
N PHE B 56 19.01 -1.77 6.67
CA PHE B 56 17.79 -2.52 6.34
C PHE B 56 16.74 -1.63 5.71
N SER B 57 15.77 -2.27 5.05
CA SER B 57 14.73 -1.62 4.28
C SER B 57 13.41 -1.56 5.06
N LYS B 58 12.40 -0.94 4.44
CA LYS B 58 11.13 -0.69 5.14
C LYS B 58 10.39 -1.98 5.51
N ASP B 59 10.66 -3.10 4.84
CA ASP B 59 10.10 -4.40 5.21
C ASP B 59 10.92 -5.14 6.28
N TRP B 60 11.92 -4.47 6.88
CA TRP B 60 12.82 -4.92 7.93
C TRP B 60 13.96 -5.83 7.47
N SER B 61 14.03 -6.22 6.19
CA SER B 61 15.11 -7.10 5.73
C SER B 61 16.41 -6.30 5.51
N PHE B 62 17.53 -6.96 5.77
CA PHE B 62 18.85 -6.33 5.77
C PHE B 62 19.46 -6.32 4.36
N TYR B 63 20.48 -5.48 4.19
CA TYR B 63 21.22 -5.46 2.95
C TYR B 63 22.63 -4.92 3.21
N ILE B 64 23.58 -5.35 2.37
CA ILE B 64 24.98 -4.97 2.53
C ILE B 64 25.68 -5.04 1.18
N LEU B 65 26.75 -4.25 1.03
CA LEU B 65 27.56 -4.23 -0.19
C LEU B 65 29.00 -4.64 0.15
N ALA B 66 29.50 -5.70 -0.49
CA ALA B 66 30.94 -5.98 -0.53
C ALA B 66 31.53 -5.58 -1.89
N HIS B 67 32.81 -5.13 -1.88
CA HIS B 67 33.45 -4.76 -3.14
C HIS B 67 34.97 -4.88 -3.04
N THR B 68 35.61 -5.00 -4.21
CA THR B 68 37.05 -5.13 -4.30
C THR B 68 37.52 -4.63 -5.66
N GLU B 69 38.78 -4.22 -5.75
CA GLU B 69 39.31 -3.83 -7.04
C GLU B 69 39.46 -5.06 -7.93
N PHE B 70 39.21 -4.91 -9.25
CA PHE B 70 39.51 -5.98 -10.20
C PHE B 70 39.78 -5.42 -11.59
N THR B 71 40.49 -6.23 -12.38
CA THR B 71 40.74 -5.94 -13.79
C THR B 71 40.17 -7.08 -14.62
N PRO B 72 39.02 -6.90 -15.27
CA PRO B 72 38.47 -8.00 -16.07
C PRO B 72 39.35 -8.29 -17.30
N THR B 73 39.40 -9.58 -17.66
CA THR B 73 40.16 -10.07 -18.83
C THR B 73 39.31 -11.12 -19.52
N GLU B 74 39.81 -11.67 -20.62
CA GLU B 74 38.97 -12.65 -21.30
C GLU B 74 38.97 -14.01 -20.62
N THR B 75 39.88 -14.28 -19.66
CA THR B 75 39.98 -15.62 -19.08
C THR B 75 39.72 -15.69 -17.58
N ASP B 76 39.85 -14.59 -16.85
CA ASP B 76 39.78 -14.64 -15.39
C ASP B 76 38.33 -14.76 -14.95
N THR B 77 38.11 -15.57 -13.90
CA THR B 77 36.78 -15.84 -13.34
C THR B 77 36.67 -15.19 -11.97
N TYR B 78 35.51 -14.61 -11.63
CA TYR B 78 35.31 -13.97 -10.33
C TYR B 78 33.99 -14.46 -9.75
N ALA B 79 33.95 -14.66 -8.44
CA ALA B 79 32.74 -15.11 -7.77
C ALA B 79 32.56 -14.45 -6.42
N CYS B 80 31.30 -14.43 -5.96
CA CYS B 80 30.93 -14.05 -4.61
C CYS B 80 30.25 -15.24 -3.96
N ARG B 81 30.67 -15.59 -2.74
CA ARG B 81 30.13 -16.74 -2.04
C ARG B 81 29.49 -16.29 -0.73
N VAL B 82 28.25 -16.72 -0.46
CA VAL B 82 27.44 -16.19 0.63
C VAL B 82 26.89 -17.33 1.47
N LYS B 83 26.99 -17.19 2.80
CA LYS B 83 26.35 -18.12 3.73
C LYS B 83 25.50 -17.36 4.76
N HIS B 84 24.27 -17.81 4.95
CA HIS B 84 23.30 -17.24 5.88
C HIS B 84 22.60 -18.40 6.59
N ASP B 85 22.05 -18.13 7.78
CA ASP B 85 21.45 -19.20 8.58
C ASP B 85 20.21 -19.81 7.90
N SER B 86 19.56 -19.09 7.00
CA SER B 86 18.43 -19.61 6.23
C SER B 86 18.85 -20.66 5.20
N MET B 87 20.15 -20.82 4.96
CA MET B 87 20.70 -21.71 3.95
C MET B 87 21.45 -22.88 4.61
N ALA B 88 21.21 -24.10 4.12
CA ALA B 88 21.95 -25.26 4.62
C ALA B 88 23.41 -25.25 4.20
N GLU B 89 23.71 -24.66 3.06
CA GLU B 89 25.04 -24.63 2.47
C GLU B 89 25.26 -23.29 1.78
N PRO B 90 26.52 -22.90 1.58
CA PRO B 90 26.80 -21.63 0.90
C PRO B 90 26.39 -21.66 -0.56
N LYS B 91 26.12 -20.47 -1.08
CA LYS B 91 25.76 -20.25 -2.47
C LYS B 91 26.82 -19.41 -3.15
N THR B 92 27.30 -19.84 -4.31
CA THR B 92 28.29 -19.12 -5.11
C THR B 92 27.64 -18.54 -6.36
N VAL B 93 27.86 -17.25 -6.61
CA VAL B 93 27.38 -16.58 -7.81
C VAL B 93 28.57 -16.05 -8.59
N TYR B 94 28.68 -16.42 -9.87
CA TYR B 94 29.78 -15.94 -10.69
C TYR B 94 29.45 -14.64 -11.40
N TRP B 95 30.45 -13.76 -11.47
CA TRP B 95 30.36 -12.57 -12.31
C TRP B 95 30.16 -12.95 -13.77
N ASP B 96 29.21 -12.29 -14.43
CA ASP B 96 28.94 -12.44 -15.86
C ASP B 96 29.01 -11.04 -16.48
N ARG B 97 29.93 -10.86 -17.42
CA ARG B 97 30.19 -9.54 -17.98
C ARG B 97 28.98 -8.94 -18.68
N ASP B 98 27.96 -9.75 -19.00
CA ASP B 98 26.77 -9.27 -19.67
C ASP B 98 25.63 -8.92 -18.71
N MET B 99 25.81 -9.13 -17.40
CA MET B 99 24.77 -8.83 -16.39
C MET B 99 25.24 -7.98 -15.20
N FME C 1 18.38 9.78 16.62
CN FME C 1 17.44 9.18 15.84
O1 FME C 1 17.00 8.01 16.04
CA FME C 1 18.98 9.11 17.76
CB FME C 1 20.39 9.64 18.07
CG FME C 1 21.34 9.37 16.91
SD FME C 1 21.63 7.66 16.57
CE FME C 1 22.52 7.09 17.97
C FME C 1 18.06 9.24 18.98
O FME C 1 18.23 10.00 19.95
H FME C 1 18.68 10.71 16.42
HCN FME C 1 17.10 9.82 14.99
HA FME C 1 19.09 7.98 17.60
HB2 FME C 1 20.76 9.14 19.01
HB3 FME C 1 20.31 10.74 18.29
HG2 FME C 1 22.33 9.85 17.12
HG3 FME C 1 20.93 9.85 15.99
HE1 FME C 1 22.75 6.02 17.78
HE2 FME C 1 21.84 7.23 18.85
HE3 FME C 1 23.43 7.72 18.04
N PHE C 2 17.02 8.40 18.91
CA PHE C 2 15.87 8.45 19.82
C PHE C 2 15.31 7.05 19.98
N PHE C 3 14.93 6.68 21.21
CA PHE C 3 14.37 5.36 21.50
C PHE C 3 13.29 5.48 22.57
N ILE C 4 12.19 4.77 22.34
CA ILE C 4 11.04 4.70 23.24
C ILE C 4 10.97 3.29 23.82
N ASN C 5 10.95 3.19 25.15
CA ASN C 5 10.71 1.90 25.81
C ASN C 5 9.37 1.28 25.43
N ALA C 6 9.43 0.13 24.75
CA ALA C 6 8.23 -0.59 24.32
C ALA C 6 7.45 -1.17 25.49
N LEU C 7 8.11 -1.42 26.61
CA LEU C 7 7.41 -2.01 27.75
C LEU C 7 7.94 -1.50 29.08
N GLY D 1 -6.50 -13.08 2.76
CA GLY D 1 -5.31 -13.23 1.89
C GLY D 1 -5.67 -13.26 0.41
N SER D 2 -6.98 -13.24 0.13
CA SER D 2 -7.44 -13.31 -1.25
C SER D 2 -7.45 -11.93 -1.87
N HIS D 3 -7.52 -11.92 -3.20
CA HIS D 3 -7.60 -10.70 -3.98
C HIS D 3 -8.66 -10.87 -5.06
N SER D 4 -9.34 -9.77 -5.36
CA SER D 4 -10.44 -9.76 -6.34
C SER D 4 -10.33 -8.59 -7.29
N LEU D 5 -10.67 -8.83 -8.57
CA LEU D 5 -10.97 -7.79 -9.56
C LEU D 5 -12.49 -7.72 -9.70
N ARG D 6 -13.07 -6.52 -9.53
CA ARG D 6 -14.53 -6.38 -9.49
C ARG D 6 -14.98 -5.15 -10.26
N TYR D 7 -16.05 -5.32 -11.02
CA TYR D 7 -16.62 -4.23 -11.82
C TYR D 7 -18.10 -4.08 -11.51
N PHE D 8 -18.52 -2.84 -11.34
CA PHE D 8 -19.90 -2.50 -10.96
C PHE D 8 -20.51 -1.66 -12.07
N HIS D 9 -21.45 -2.25 -12.84
CA HIS D 9 -21.99 -1.66 -14.07
C HIS D 9 -23.43 -1.18 -13.86
N THR D 10 -23.76 0.01 -14.39
CA THR D 10 -25.10 0.58 -14.28
C THR D 10 -25.53 1.16 -15.64
N ALA D 11 -26.74 0.80 -16.11
CA ALA D 11 -27.35 1.38 -17.29
C ALA D 11 -28.67 2.02 -16.90
N VAL D 12 -28.91 3.23 -17.41
CA VAL D 12 -30.09 4.03 -17.09
C VAL D 12 -30.90 4.24 -18.36
N SER D 13 -32.22 4.03 -18.31
CA SER D 13 -32.98 4.17 -19.55
C SER D 13 -33.32 5.63 -19.89
N ARG D 14 -33.45 6.53 -18.91
CA ARG D 14 -33.80 7.93 -19.17
C ARG D 14 -32.84 8.84 -18.41
N PRO D 15 -31.59 8.90 -18.84
CA PRO D 15 -30.56 9.58 -18.03
C PRO D 15 -30.74 11.09 -17.88
N GLY D 16 -30.92 11.81 -18.98
CA GLY D 16 -30.95 13.24 -18.86
C GLY D 16 -29.72 13.90 -19.49
N ARG D 17 -29.91 15.15 -19.94
CA ARG D 17 -28.86 15.89 -20.63
C ARG D 17 -27.57 15.91 -19.83
N GLY D 18 -26.47 15.53 -20.48
CA GLY D 18 -25.16 15.64 -19.90
C GLY D 18 -24.79 14.56 -18.91
N GLU D 19 -25.66 13.56 -18.71
CA GLU D 19 -25.55 12.51 -17.70
C GLU D 19 -25.45 11.14 -18.37
N PRO D 20 -24.69 10.19 -17.80
CA PRO D 20 -24.41 8.95 -18.55
C PRO D 20 -25.59 8.01 -18.65
N GLN D 21 -25.75 7.45 -19.86
CA GLN D 21 -26.60 6.28 -20.09
C GLN D 21 -26.00 5.02 -19.48
N TYR D 22 -24.66 4.97 -19.36
CA TYR D 22 -23.93 3.81 -18.87
C TYR D 22 -22.72 4.27 -18.06
N ILE D 23 -22.47 3.62 -16.92
CA ILE D 23 -21.31 3.93 -16.08
C ILE D 23 -20.83 2.63 -15.44
N SER D 24 -19.51 2.45 -15.37
CA SER D 24 -18.97 1.34 -14.61
C SER D 24 -17.71 1.78 -13.88
N VAL D 25 -17.55 1.26 -12.66
CA VAL D 25 -16.37 1.51 -11.86
C VAL D 25 -15.72 0.17 -11.56
N GLY D 26 -14.40 0.14 -11.59
CA GLY D 26 -13.62 -1.07 -11.39
C GLY D 26 -12.74 -0.94 -10.17
N TYR D 27 -12.62 -2.03 -9.42
CA TYR D 27 -11.80 -2.10 -8.23
C TYR D 27 -10.87 -3.32 -8.24
N VAL D 28 -9.73 -3.18 -7.57
CA VAL D 28 -8.98 -4.31 -7.05
C VAL D 28 -9.16 -4.26 -5.54
N ASP D 29 -9.70 -5.32 -4.96
CA ASP D 29 -10.03 -5.31 -3.54
C ASP D 29 -10.81 -4.04 -3.19
N ASP D 30 -10.33 -3.21 -2.25
CA ASP D 30 -11.08 -2.02 -1.86
C ASP D 30 -10.50 -0.71 -2.41
N VAL D 31 -9.75 -0.77 -3.52
CA VAL D 31 -9.19 0.40 -4.18
C VAL D 31 -9.74 0.50 -5.61
N GLN D 32 -10.41 1.60 -5.91
CA GLN D 32 -10.89 1.88 -7.26
C GLN D 32 -9.72 2.20 -8.19
N PHE D 33 -9.76 1.65 -9.42
CA PHE D 33 -8.74 1.98 -10.41
C PHE D 33 -9.24 2.70 -11.67
N GLN D 34 -10.54 2.70 -11.97
CA GLN D 34 -11.02 3.46 -13.12
C GLN D 34 -12.52 3.74 -13.01
N ARG D 35 -12.94 4.77 -13.75
CA ARG D 35 -14.34 5.03 -14.07
C ARG D 35 -14.50 5.11 -15.60
N CYS D 36 -15.50 4.42 -16.13
CA CYS D 36 -15.90 4.48 -17.54
C CYS D 36 -17.35 4.92 -17.63
N ASP D 37 -17.67 5.75 -18.61
CA ASP D 37 -19.08 6.07 -18.87
C ASP D 37 -19.32 6.35 -20.37
N SER D 38 -20.60 6.48 -20.69
CA SER D 38 -21.06 6.81 -22.04
C SER D 38 -22.18 7.85 -21.91
N ILE D 39 -21.99 9.00 -22.58
CA ILE D 39 -22.93 10.12 -22.55
C ILE D 39 -23.27 10.49 -23.98
N GLU D 40 -24.55 10.35 -24.35
CA GLU D 40 -24.99 10.53 -25.72
C GLU D 40 -24.07 9.81 -26.71
N GLU D 41 -23.72 8.57 -26.37
CA GLU D 41 -22.97 7.60 -27.17
C GLU D 41 -21.47 7.90 -27.19
N ILE D 42 -20.99 8.88 -26.43
CA ILE D 42 -19.56 9.23 -26.39
C ILE D 42 -18.94 8.51 -25.21
N PRO D 43 -17.96 7.62 -25.42
CA PRO D 43 -17.29 6.97 -24.29
C PRO D 43 -16.22 7.86 -23.67
N ARG D 44 -16.04 7.69 -22.36
CA ARG D 44 -14.98 8.37 -21.62
C ARG D 44 -14.39 7.44 -20.57
N MET D 45 -13.08 7.54 -20.36
CA MET D 45 -12.35 6.70 -19.42
C MET D 45 -11.45 7.56 -18.56
N GLU D 46 -11.44 7.28 -17.25
CA GLU D 46 -10.57 8.04 -16.36
C GLU D 46 -9.87 7.12 -15.36
N PRO D 47 -8.55 7.27 -15.18
CA PRO D 47 -7.87 6.46 -14.17
C PRO D 47 -8.16 7.01 -12.79
N ARG D 48 -8.07 6.10 -11.80
CA ARG D 48 -8.28 6.44 -10.41
C ARG D 48 -7.21 5.92 -9.44
N ALA D 49 -6.25 5.12 -9.90
CA ALA D 49 -5.17 4.64 -9.05
C ALA D 49 -3.83 4.79 -9.75
N PRO D 50 -2.74 4.97 -8.99
CA PRO D 50 -1.45 5.30 -9.61
C PRO D 50 -0.86 4.23 -10.50
N TRP D 51 -1.16 2.94 -10.28
CA TRP D 51 -0.54 1.94 -11.15
C TRP D 51 -1.11 1.98 -12.57
N MET D 52 -2.25 2.66 -12.77
CA MET D 52 -2.83 2.72 -14.10
C MET D 52 -2.01 3.57 -15.06
N GLU D 53 -1.13 4.43 -14.55
CA GLU D 53 -0.21 5.14 -15.41
C GLU D 53 0.82 4.21 -16.05
N LYS D 54 0.98 2.99 -15.53
CA LYS D 54 1.87 2.00 -16.14
C LYS D 54 1.24 1.22 -17.30
N GLU D 55 -0.05 1.41 -17.58
CA GLU D 55 -0.70 0.67 -18.66
C GLU D 55 -0.31 1.27 -20.00
N ARG D 56 -0.24 0.43 -21.03
CA ARG D 56 0.14 0.85 -22.36
C ARG D 56 -1.02 1.55 -23.06
N PRO D 57 -0.73 2.39 -24.08
CA PRO D 57 -1.82 3.10 -24.78
C PRO D 57 -2.91 2.17 -25.30
N GLU D 58 -2.52 0.98 -25.76
CA GLU D 58 -3.49 0.06 -26.31
C GLU D 58 -4.48 -0.47 -25.26
N TYR D 59 -4.09 -0.53 -23.98
CA TYR D 59 -5.08 -0.90 -22.97
C TYR D 59 -6.28 0.04 -23.04
N TRP D 60 -6.04 1.34 -23.17
CA TRP D 60 -7.14 2.32 -23.19
C TRP D 60 -7.90 2.34 -24.51
N LYS D 61 -7.23 2.05 -25.63
CA LYS D 61 -7.92 1.98 -26.92
C LYS D 61 -8.90 0.81 -26.94
N GLU D 62 -8.47 -0.36 -26.45
CA GLU D 62 -9.35 -1.52 -26.39
C GLU D 62 -10.50 -1.28 -25.41
N LEU D 63 -10.19 -0.67 -24.27
CA LEU D 63 -11.23 -0.39 -23.29
C LEU D 63 -12.31 0.49 -23.87
N LYS D 64 -11.91 1.50 -24.66
CA LYS D 64 -12.88 2.41 -25.27
C LYS D 64 -13.86 1.68 -26.19
N LEU D 65 -13.35 0.77 -27.02
CA LEU D 65 -14.22 -0.04 -27.87
C LEU D 65 -15.17 -0.89 -27.04
N LYS D 66 -14.70 -1.46 -25.93
CA LYS D 66 -15.55 -2.26 -25.07
C LYS D 66 -16.65 -1.42 -24.44
N VAL D 67 -16.31 -0.21 -23.99
CA VAL D 67 -17.32 0.69 -23.44
C VAL D 67 -18.41 0.97 -24.47
N LYS D 68 -18.00 1.25 -25.72
CA LYS D 68 -18.97 1.52 -26.80
C LYS D 68 -19.90 0.34 -27.01
N ASN D 69 -19.33 -0.88 -27.13
CA ASN D 69 -20.14 -2.08 -27.39
C ASN D 69 -21.07 -2.43 -26.22
N ILE D 70 -20.58 -2.31 -24.98
CA ILE D 70 -21.37 -2.62 -23.78
C ILE D 70 -22.50 -1.62 -23.62
N ALA D 71 -22.22 -0.33 -23.83
CA ALA D 71 -23.26 0.68 -23.72
C ALA D 71 -24.39 0.40 -24.72
N GLN D 72 -24.03 0.10 -25.97
CA GLN D 72 -25.07 -0.17 -26.98
C GLN D 72 -25.92 -1.38 -26.57
N SER D 73 -25.27 -2.50 -26.22
CA SER D 73 -26.01 -3.72 -25.90
C SER D 73 -26.86 -3.54 -24.64
N ALA D 74 -26.34 -2.86 -23.62
CA ALA D 74 -27.10 -2.68 -22.38
C ALA D 74 -28.37 -1.85 -22.61
N ARG D 75 -28.28 -0.80 -23.42
CA ARG D 75 -29.46 0.01 -23.73
C ARG D 75 -30.55 -0.84 -24.37
N ALA D 76 -30.17 -1.72 -25.29
CA ALA D 76 -31.14 -2.55 -25.98
C ALA D 76 -31.76 -3.59 -25.04
N ASN D 77 -30.93 -4.17 -24.18
CA ASN D 77 -31.43 -5.17 -23.25
C ASN D 77 -32.39 -4.54 -22.25
N LEU D 78 -32.09 -3.31 -21.83
CA LEU D 78 -32.95 -2.63 -20.87
C LEU D 78 -34.28 -2.21 -21.52
N ARG D 79 -34.26 -1.77 -22.77
CA ARG D 79 -35.52 -1.52 -23.46
C ARG D 79 -36.36 -2.78 -23.57
N THR D 80 -35.72 -3.93 -23.77
CA THR D 80 -36.47 -5.18 -23.90
C THR D 80 -37.05 -5.63 -22.58
N LEU D 81 -36.37 -5.39 -21.45
CA LEU D 81 -36.98 -5.70 -20.15
C LEU D 81 -38.26 -4.90 -19.92
N LEU D 82 -38.30 -3.66 -20.36
CA LEU D 82 -39.54 -2.89 -20.25
C LEU D 82 -40.70 -3.59 -20.96
N ARG D 83 -40.46 -4.15 -22.14
CA ARG D 83 -41.52 -4.84 -22.88
C ARG D 83 -41.99 -6.10 -22.15
N TYR D 84 -41.08 -6.90 -21.60
CA TYR D 84 -41.49 -8.16 -21.00
C TYR D 84 -42.25 -7.98 -19.70
N TYR D 85 -42.03 -6.89 -18.99
CA TYR D 85 -42.75 -6.54 -17.78
C TYR D 85 -43.97 -5.67 -18.08
N ASN D 86 -44.25 -5.39 -19.35
CA ASN D 86 -45.38 -4.58 -19.76
C ASN D 86 -45.42 -3.27 -19.00
N GLN D 87 -44.25 -2.62 -18.93
CA GLN D 87 -44.16 -1.32 -18.30
C GLN D 87 -44.30 -0.22 -19.34
N SER D 88 -44.82 0.93 -18.91
CA SER D 88 -45.09 2.02 -19.85
C SER D 88 -43.79 2.69 -20.28
N GLU D 89 -43.78 3.16 -21.53
CA GLU D 89 -42.58 3.76 -22.10
C GLU D 89 -42.03 4.92 -21.26
N GLY D 90 -42.82 5.46 -20.32
CA GLY D 90 -42.54 6.74 -19.67
C GLY D 90 -41.62 6.85 -18.45
N GLY D 91 -41.43 5.78 -17.67
CA GLY D 91 -40.60 5.90 -16.48
C GLY D 91 -39.14 5.58 -16.73
N SER D 92 -38.24 6.01 -15.84
CA SER D 92 -36.86 5.58 -15.96
C SER D 92 -36.66 4.30 -15.16
N HIS D 93 -35.88 3.40 -15.75
CA HIS D 93 -35.58 2.10 -15.21
C HIS D 93 -34.07 1.91 -15.25
N ILE D 94 -33.61 0.96 -14.44
CA ILE D 94 -32.18 0.76 -14.16
C ILE D 94 -31.81 -0.71 -14.33
N LEU D 95 -30.72 -0.98 -15.06
CA LEU D 95 -30.14 -2.30 -15.16
C LEU D 95 -28.75 -2.23 -14.54
N GLN D 96 -28.47 -3.15 -13.62
CA GLN D 96 -27.14 -3.26 -13.02
C GLN D 96 -26.60 -4.68 -13.15
N TRP D 97 -25.27 -4.80 -13.24
CA TRP D 97 -24.67 -6.14 -13.13
C TRP D 97 -23.26 -6.01 -12.55
N MET D 98 -22.81 -7.10 -11.96
CA MET D 98 -21.52 -7.19 -11.29
C MET D 98 -20.72 -8.33 -11.90
N VAL D 99 -19.43 -8.09 -12.15
CA VAL D 99 -18.51 -9.04 -12.77
C VAL D 99 -17.26 -9.08 -11.89
N SER D 100 -16.85 -10.28 -11.49
CA SER D 100 -15.67 -10.40 -10.63
C SER D 100 -14.94 -11.72 -10.87
N CYS D 101 -13.65 -11.72 -10.58
CA CYS D 101 -12.87 -12.94 -10.38
C CYS D 101 -12.00 -12.78 -9.14
N GLU D 102 -11.71 -13.92 -8.48
CA GLU D 102 -10.99 -13.99 -7.21
C GLU D 102 -9.89 -15.05 -7.27
N VAL D 103 -8.71 -14.72 -6.74
CA VAL D 103 -7.66 -15.70 -6.47
C VAL D 103 -7.49 -15.85 -4.96
N GLY D 104 -7.11 -17.05 -4.52
CA GLY D 104 -6.82 -17.29 -3.12
C GLY D 104 -5.43 -16.82 -2.73
N PRO D 105 -5.05 -17.10 -1.47
CA PRO D 105 -3.70 -16.72 -1.02
C PRO D 105 -2.59 -17.44 -1.78
N ASP D 106 -2.88 -18.56 -2.43
CA ASP D 106 -1.90 -19.22 -3.28
C ASP D 106 -1.87 -18.65 -4.69
N MET D 107 -2.66 -17.61 -4.95
CA MET D 107 -2.75 -16.92 -6.24
C MET D 107 -3.37 -17.79 -7.35
N ARG D 108 -4.01 -18.89 -6.99
CA ARG D 108 -4.77 -19.70 -7.93
C ARG D 108 -6.25 -19.27 -7.98
N LEU D 109 -6.85 -19.44 -9.15
CA LEU D 109 -8.25 -19.05 -9.33
C LEU D 109 -9.11 -19.75 -8.28
N LEU D 110 -9.92 -18.96 -7.58
CA LEU D 110 -10.77 -19.44 -6.49
C LEU D 110 -12.25 -19.35 -6.81
N GLY D 111 -12.65 -18.38 -7.62
CA GLY D 111 -14.08 -18.19 -7.89
C GLY D 111 -14.30 -17.00 -8.79
N ALA D 112 -15.56 -16.83 -9.19
CA ALA D 112 -15.97 -15.76 -10.08
C ALA D 112 -17.47 -15.55 -9.95
N HIS D 113 -17.94 -14.36 -10.35
CA HIS D 113 -19.35 -14.00 -10.27
C HIS D 113 -19.79 -13.22 -11.50
N TYR D 114 -21.00 -13.51 -11.96
CA TYR D 114 -21.75 -12.69 -12.91
C TYR D 114 -23.19 -12.68 -12.42
N GLN D 115 -23.73 -11.50 -12.15
CA GLN D 115 -25.09 -11.38 -11.63
C GLN D 115 -25.68 -10.02 -12.02
N ALA D 116 -27.03 -9.96 -12.14
CA ALA D 116 -27.69 -8.77 -12.68
C ALA D 116 -28.94 -8.45 -11.85
N ALA D 117 -29.33 -7.18 -11.91
CA ALA D 117 -30.53 -6.67 -11.23
C ALA D 117 -31.28 -5.71 -12.12
N TYR D 118 -32.61 -5.68 -11.94
CA TYR D 118 -33.50 -4.76 -12.62
C TYR D 118 -34.23 -3.93 -11.56
N ASP D 119 -34.17 -2.62 -11.73
CA ASP D 119 -34.80 -1.66 -10.79
C ASP D 119 -34.46 -1.99 -9.33
N GLY D 120 -33.21 -2.40 -9.10
CA GLY D 120 -32.68 -2.53 -7.76
C GLY D 120 -32.91 -3.85 -7.09
N SER D 121 -33.50 -4.84 -7.79
CA SER D 121 -33.74 -6.17 -7.24
C SER D 121 -33.07 -7.23 -8.11
N ASP D 122 -32.60 -8.31 -7.45
CA ASP D 122 -32.01 -9.47 -8.13
C ASP D 122 -32.89 -9.89 -9.30
N TYR D 123 -32.25 -10.11 -10.45
CA TYR D 123 -32.91 -10.62 -11.65
C TYR D 123 -32.41 -12.01 -11.99
N ILE D 124 -31.09 -12.18 -12.17
CA ILE D 124 -30.52 -13.50 -12.42
C ILE D 124 -29.08 -13.53 -11.92
N THR D 125 -28.63 -14.73 -11.55
CA THR D 125 -27.34 -14.95 -10.89
C THR D 125 -26.69 -16.23 -11.42
N LEU D 126 -25.43 -16.14 -11.84
CA LEU D 126 -24.65 -17.32 -12.18
C LEU D 126 -24.27 -18.08 -10.91
N ASN D 127 -24.49 -19.38 -10.90
CA ASN D 127 -24.24 -20.18 -9.72
C ASN D 127 -22.72 -20.38 -9.52
N GLU D 128 -22.35 -20.91 -8.35
CA GLU D 128 -20.93 -21.09 -8.04
C GLU D 128 -20.23 -22.06 -8.99
N ASP D 129 -20.97 -22.96 -9.64
CA ASP D 129 -20.34 -23.88 -10.60
C ASP D 129 -20.00 -23.20 -11.92
N LEU D 130 -20.39 -21.94 -12.11
CA LEU D 130 -20.14 -21.16 -13.31
C LEU D 130 -20.79 -21.76 -14.56
N SER D 131 -21.83 -22.58 -14.38
CA SER D 131 -22.55 -23.21 -15.49
C SER D 131 -24.06 -23.02 -15.44
N SER D 132 -24.66 -23.09 -14.27
CA SER D 132 -26.11 -22.94 -14.16
C SER D 132 -26.46 -21.60 -13.52
N TRP D 133 -27.74 -21.25 -13.64
CA TRP D 133 -28.23 -19.94 -13.26
C TRP D 133 -29.41 -20.07 -12.31
N THR D 134 -29.61 -19.01 -11.51
CA THR D 134 -30.75 -18.89 -10.61
C THR D 134 -31.54 -17.61 -10.92
N ALA D 135 -32.85 -17.77 -11.21
CA ALA D 135 -33.78 -16.69 -11.54
C ALA D 135 -34.71 -16.41 -10.36
N VAL D 136 -35.62 -15.44 -10.54
CA VAL D 136 -36.47 -14.95 -9.46
C VAL D 136 -37.95 -14.86 -9.84
N ASP D 137 -38.28 -14.95 -11.13
CA ASP D 137 -39.69 -14.85 -11.52
C ASP D 137 -39.88 -15.44 -12.92
N MET D 138 -41.08 -15.22 -13.50
CA MET D 138 -41.41 -15.87 -14.77
C MET D 138 -40.55 -15.34 -15.92
N VAL D 139 -40.32 -14.02 -15.98
CA VAL D 139 -39.51 -13.43 -17.05
C VAL D 139 -38.06 -13.90 -16.97
N SER D 140 -37.45 -13.84 -15.77
CA SER D 140 -36.05 -14.23 -15.64
C SER D 140 -35.86 -15.74 -15.79
N GLN D 141 -36.90 -16.54 -15.53
CA GLN D 141 -36.83 -17.97 -15.77
C GLN D 141 -36.71 -18.28 -17.27
N ILE D 142 -37.34 -17.46 -18.12
CA ILE D 142 -37.15 -17.56 -19.57
C ILE D 142 -35.69 -17.27 -19.93
N THR D 143 -35.12 -16.19 -19.36
CA THR D 143 -33.70 -15.88 -19.60
C THR D 143 -32.82 -17.05 -19.19
N LYS D 144 -33.08 -17.63 -18.00
CA LYS D 144 -32.32 -18.80 -17.55
C LYS D 144 -32.44 -19.95 -18.54
N SER D 145 -33.67 -20.27 -18.96
CA SER D 145 -33.87 -21.34 -19.93
C SER D 145 -33.01 -21.13 -21.16
N ARG D 146 -33.01 -19.90 -21.68
CA ARG D 146 -32.28 -19.63 -22.91
C ARG D 146 -30.77 -19.71 -22.69
N LEU D 147 -30.28 -19.15 -21.57
CA LEU D 147 -28.84 -19.16 -21.31
C LEU D 147 -28.32 -20.58 -21.11
N GLU D 148 -29.08 -21.43 -20.40
CA GLU D 148 -28.62 -22.79 -20.16
C GLU D 148 -28.70 -23.63 -21.43
N SER D 149 -29.73 -23.41 -22.25
CA SER D 149 -29.83 -24.16 -23.49
C SER D 149 -28.68 -23.84 -24.42
N ALA D 150 -28.20 -22.60 -24.42
CA ALA D 150 -27.16 -22.17 -25.33
C ALA D 150 -25.74 -22.35 -24.78
N GLY D 151 -25.59 -22.65 -23.49
CA GLY D 151 -24.27 -22.76 -22.88
C GLY D 151 -23.52 -21.46 -22.76
N THR D 152 -24.24 -20.34 -22.64
CA THR D 152 -23.65 -19.02 -22.71
C THR D 152 -22.62 -18.78 -21.59
N ALA D 153 -22.75 -19.44 -20.43
CA ALA D 153 -21.76 -19.26 -19.35
C ALA D 153 -20.33 -19.57 -19.80
N GLU D 154 -20.17 -20.44 -20.81
CA GLU D 154 -18.84 -20.83 -21.27
C GLU D 154 -18.01 -19.61 -21.66
N TYR D 155 -18.65 -18.57 -22.19
CA TYR D 155 -17.92 -17.39 -22.61
C TYR D 155 -17.60 -16.48 -21.43
N PHE D 156 -18.40 -16.53 -20.35
CA PHE D 156 -17.94 -15.90 -19.12
C PHE D 156 -16.72 -16.61 -18.55
N ARG D 157 -16.72 -17.95 -18.56
CA ARG D 157 -15.56 -18.67 -18.05
C ARG D 157 -14.30 -18.35 -18.85
N ALA D 158 -14.44 -18.19 -20.18
CA ALA D 158 -13.29 -17.81 -21.00
C ALA D 158 -12.79 -16.41 -20.66
N TYR D 159 -13.73 -15.49 -20.41
CA TYR D 159 -13.37 -14.16 -19.91
C TYR D 159 -12.61 -14.23 -18.59
N VAL D 160 -13.06 -15.09 -17.66
CA VAL D 160 -12.41 -15.17 -16.36
C VAL D 160 -10.97 -15.65 -16.52
N GLU D 161 -10.77 -16.73 -17.27
CA GLU D 161 -9.45 -17.32 -17.37
C GLU D 161 -8.52 -16.46 -18.22
N GLY D 162 -9.07 -15.64 -19.09
CA GLY D 162 -8.30 -14.76 -19.94
C GLY D 162 -8.10 -13.40 -19.32
N GLU D 163 -8.88 -12.40 -19.73
CA GLU D 163 -8.61 -11.01 -19.33
C GLU D 163 -8.77 -10.79 -17.83
N CYS D 164 -9.76 -11.40 -17.19
CA CYS D 164 -9.96 -11.09 -15.77
C CYS D 164 -8.72 -11.46 -14.97
N LEU D 165 -8.21 -12.68 -15.16
CA LEU D 165 -7.07 -13.11 -14.39
C LEU D 165 -5.81 -12.37 -14.82
N GLU D 166 -5.69 -12.02 -16.11
CA GLU D 166 -4.50 -11.31 -16.57
C GLU D 166 -4.40 -9.95 -15.90
N LEU D 167 -5.50 -9.18 -15.88
CA LEU D 167 -5.50 -7.86 -15.27
C LEU D 167 -5.29 -7.93 -13.77
N LEU D 168 -5.90 -8.90 -13.11
CA LEU D 168 -5.75 -9.01 -11.66
C LEU D 168 -4.30 -9.27 -11.29
N HIS D 169 -3.64 -10.21 -11.98
CA HIS D 169 -2.21 -10.47 -11.76
C HIS D 169 -1.35 -9.23 -12.04
N ARG D 170 -1.61 -8.54 -13.15
CA ARG D 170 -0.78 -7.39 -13.50
C ARG D 170 -0.97 -6.23 -12.51
N PHE D 171 -2.22 -5.90 -12.16
CA PHE D 171 -2.48 -4.81 -11.22
C PHE D 171 -1.89 -5.10 -9.82
N LEU D 172 -1.98 -6.34 -9.36
CA LEU D 172 -1.37 -6.69 -8.07
C LEU D 172 0.14 -6.46 -8.07
N ARG D 173 0.79 -6.69 -9.20
CA ARG D 173 2.23 -6.51 -9.31
C ARG D 173 2.57 -5.03 -9.42
N ASN D 174 1.95 -4.33 -10.38
CA ASN D 174 2.25 -2.92 -10.59
C ASN D 174 1.78 -2.03 -9.44
N GLY D 175 0.73 -2.42 -8.71
CA GLY D 175 0.28 -1.66 -7.55
C GLY D 175 0.60 -2.34 -6.24
N LYS D 176 1.75 -3.04 -6.16
CA LYS D 176 2.02 -3.91 -5.03
C LYS D 176 2.03 -3.16 -3.70
N GLU D 177 2.66 -1.97 -3.65
CA GLU D 177 2.77 -1.28 -2.36
C GLU D 177 1.41 -0.86 -1.80
N ILE D 178 0.45 -0.59 -2.69
CA ILE D 178 -0.89 -0.19 -2.27
C ILE D 178 -1.74 -1.42 -1.97
N LEU D 179 -1.66 -2.43 -2.83
CA LEU D 179 -2.62 -3.52 -2.82
C LEU D 179 -2.21 -4.69 -1.93
N GLN D 180 -0.92 -5.02 -1.89
CA GLN D 180 -0.41 -6.14 -1.08
C GLN D 180 0.04 -5.60 0.28
N ARG D 181 -0.93 -5.12 1.05
CA ARG D 181 -0.72 -4.60 2.41
C ARG D 181 -1.97 -4.84 3.25
N ALA D 182 -1.77 -4.87 4.57
CA ALA D 182 -2.87 -4.88 5.55
C ALA D 182 -2.45 -3.94 6.68
N ASP D 183 -3.16 -2.81 6.81
CA ASP D 183 -2.90 -1.81 7.84
C ASP D 183 -3.89 -2.08 8.96
N PRO D 184 -3.45 -2.51 10.15
CA PRO D 184 -4.41 -2.85 11.20
C PRO D 184 -5.09 -1.61 11.75
N PRO D 185 -6.27 -1.77 12.33
CA PRO D 185 -6.96 -0.63 12.94
C PRO D 185 -6.30 -0.15 14.22
N LYS D 186 -6.27 1.16 14.42
CA LYS D 186 -6.07 1.70 15.75
C LYS D 186 -7.41 1.71 16.48
N ALA D 187 -7.46 1.08 17.65
CA ALA D 187 -8.71 0.80 18.33
C ALA D 187 -8.70 1.30 19.76
N HIS D 188 -9.86 1.77 20.23
CA HIS D 188 -10.02 2.21 21.61
C HIS D 188 -11.51 2.18 21.96
N VAL D 189 -11.80 2.28 23.25
CA VAL D 189 -13.17 2.37 23.76
C VAL D 189 -13.38 3.78 24.30
N ALA D 190 -14.45 4.43 23.82
CA ALA D 190 -14.89 5.72 24.32
C ALA D 190 -16.09 5.56 25.27
N HIS D 191 -16.19 6.48 26.23
CA HIS D 191 -17.13 6.42 27.35
C HIS D 191 -18.02 7.66 27.31
N HIS D 192 -19.33 7.45 27.20
CA HIS D 192 -20.31 8.55 27.11
C HIS D 192 -21.45 8.39 28.12
N PRO D 193 -21.49 9.16 29.20
CA PRO D 193 -22.63 9.09 30.12
C PRO D 193 -23.93 9.53 29.46
N ARG D 194 -25.03 8.94 29.90
CA ARG D 194 -26.37 9.18 29.40
C ARG D 194 -27.25 9.73 30.52
N PRO D 195 -28.40 10.34 30.18
CA PRO D 195 -29.21 11.01 31.22
C PRO D 195 -29.60 10.16 32.41
N LYS D 196 -30.07 8.94 32.20
CA LYS D 196 -30.30 8.01 33.32
C LYS D 196 -28.94 7.63 33.88
N GLY D 197 -28.91 6.60 34.73
CA GLY D 197 -27.65 6.18 35.32
C GLY D 197 -26.90 5.15 34.51
N ASP D 198 -26.99 5.20 33.18
CA ASP D 198 -26.33 4.22 32.32
C ASP D 198 -25.36 4.92 31.36
N VAL D 199 -24.65 4.12 30.57
CA VAL D 199 -23.45 4.56 29.88
C VAL D 199 -23.39 3.92 28.50
N THR D 200 -23.05 4.73 27.49
CA THR D 200 -22.67 4.19 26.18
C THR D 200 -21.18 3.89 26.16
N LEU D 201 -20.81 2.65 25.87
CA LEU D 201 -19.43 2.31 25.51
C LEU D 201 -19.34 2.17 24.00
N ARG D 202 -18.47 2.96 23.37
CA ARG D 202 -18.33 2.95 21.91
C ARG D 202 -16.95 2.48 21.53
N CYS D 203 -16.89 1.33 20.84
CA CYS D 203 -15.63 0.74 20.42
C CYS D 203 -15.32 1.21 19.01
N TRP D 204 -14.15 1.84 18.84
CA TRP D 204 -13.72 2.53 17.62
C TRP D 204 -12.61 1.74 16.93
N ALA D 205 -12.63 1.74 15.59
CA ALA D 205 -11.52 1.23 14.77
C ALA D 205 -11.24 2.24 13.65
N LEU D 206 -9.98 2.71 13.54
CA LEU D 206 -9.67 3.79 12.64
C LEU D 206 -8.42 3.45 11.81
N GLY D 207 -8.40 3.95 10.57
CA GLY D 207 -7.20 3.87 9.74
C GLY D 207 -6.84 2.49 9.21
N PHE D 208 -7.81 1.60 9.01
CA PHE D 208 -7.52 0.24 8.59
C PHE D 208 -7.74 0.03 7.09
N TYR D 209 -7.01 -0.95 6.54
CA TYR D 209 -7.11 -1.40 5.14
C TYR D 209 -6.74 -2.89 5.11
N PRO D 210 -7.54 -3.79 4.51
CA PRO D 210 -8.77 -3.57 3.76
C PRO D 210 -9.99 -3.31 4.65
N ALA D 211 -11.14 -3.10 4.00
CA ALA D 211 -12.35 -2.65 4.70
C ALA D 211 -12.96 -3.73 5.58
N ASP D 212 -12.80 -5.00 5.25
CA ASP D 212 -13.42 -6.06 6.05
C ASP D 212 -12.87 -6.06 7.47
N ILE D 213 -13.77 -6.07 8.44
CA ILE D 213 -13.41 -6.02 9.86
C ILE D 213 -14.59 -6.59 10.64
N THR D 214 -14.32 -7.16 11.83
CA THR D 214 -15.37 -7.54 12.76
C THR D 214 -15.10 -6.90 14.12
N LEU D 215 -16.09 -6.17 14.63
CA LEU D 215 -16.14 -5.66 15.99
C LEU D 215 -17.21 -6.40 16.76
N THR D 216 -16.84 -6.94 17.92
CA THR D 216 -17.75 -7.77 18.71
C THR D 216 -17.67 -7.39 20.18
N TRP D 217 -18.80 -6.97 20.78
CA TRP D 217 -18.88 -6.75 22.21
C TRP D 217 -19.29 -8.03 22.93
N GLN D 218 -18.63 -8.33 24.06
CA GLN D 218 -19.00 -9.44 24.91
C GLN D 218 -19.12 -8.98 26.35
N LYS D 219 -19.87 -9.76 27.12
CA LYS D 219 -19.97 -9.63 28.57
C LYS D 219 -19.48 -10.95 29.14
N ASP D 220 -18.27 -10.94 29.71
CA ASP D 220 -17.65 -12.17 30.16
C ASP D 220 -17.40 -13.05 28.93
N GLU D 221 -18.22 -14.08 28.72
CA GLU D 221 -18.07 -14.95 27.57
C GLU D 221 -19.32 -14.98 26.69
N GLU D 222 -20.29 -14.09 26.92
CA GLU D 222 -21.53 -14.10 26.15
C GLU D 222 -21.44 -13.09 25.01
N ASP D 223 -21.81 -13.53 23.81
CA ASP D 223 -21.75 -12.69 22.62
C ASP D 223 -22.90 -11.68 22.64
N LEU D 224 -22.57 -10.39 22.56
CA LEU D 224 -23.57 -9.32 22.57
C LEU D 224 -23.82 -8.74 21.19
N THR D 225 -23.38 -9.43 20.15
CA THR D 225 -23.44 -8.88 18.79
C THR D 225 -24.83 -8.34 18.45
N GLN D 226 -25.88 -9.04 18.85
CA GLN D 226 -27.25 -8.58 18.58
C GLN D 226 -27.66 -7.38 19.42
N ASP D 227 -26.99 -7.12 20.54
CA ASP D 227 -27.35 -6.03 21.42
C ASP D 227 -26.68 -4.71 21.08
N MET D 228 -25.77 -4.65 20.11
CA MET D 228 -25.03 -3.43 19.91
C MET D 228 -25.59 -2.64 18.72
N GLU D 229 -25.31 -1.34 18.74
CA GLU D 229 -25.50 -0.48 17.57
C GLU D 229 -24.21 -0.52 16.77
N LEU D 230 -24.32 -0.68 15.45
CA LEU D 230 -23.18 -0.91 14.57
C LEU D 230 -23.36 -0.08 13.32
N VAL D 231 -22.43 0.85 13.03
CA VAL D 231 -22.57 1.65 11.81
C VAL D 231 -21.88 0.94 10.66
N GLU D 232 -22.25 1.33 9.45
CA GLU D 232 -21.61 0.81 8.25
C GLU D 232 -20.17 1.29 8.23
N THR D 233 -19.28 0.41 7.78
CA THR D 233 -17.87 0.78 7.58
C THR D 233 -17.80 1.92 6.56
N ARG D 234 -16.95 2.92 6.82
CA ARG D 234 -17.01 4.16 6.04
C ARG D 234 -15.60 4.62 5.66
N PRO D 235 -15.44 5.23 4.48
CA PRO D 235 -14.08 5.61 4.04
C PRO D 235 -13.55 6.84 4.76
N SER D 236 -12.23 6.84 5.07
CA SER D 236 -11.60 8.04 5.59
C SER D 236 -11.45 9.10 4.51
N GLY D 237 -11.41 8.68 3.26
CA GLY D 237 -11.12 9.55 2.13
C GLY D 237 -9.69 9.46 1.65
N ASP D 238 -8.82 8.84 2.44
CA ASP D 238 -7.39 8.74 2.15
C ASP D 238 -6.98 7.33 1.77
N GLY D 239 -7.93 6.43 1.53
CA GLY D 239 -7.65 5.05 1.24
C GLY D 239 -7.88 4.08 2.41
N THR D 240 -8.09 4.57 3.63
CA THR D 240 -8.35 3.70 4.78
C THR D 240 -9.81 3.83 5.19
N PHE D 241 -10.19 3.05 6.20
CA PHE D 241 -11.59 2.92 6.62
C PHE D 241 -11.77 3.11 8.14
N GLN D 242 -13.03 3.30 8.56
CA GLN D 242 -13.43 3.57 9.93
C GLN D 242 -14.70 2.78 10.23
N LYS D 243 -14.87 2.35 11.50
CA LYS D 243 -16.12 1.70 11.96
C LYS D 243 -16.23 1.83 13.49
N TRP D 244 -17.47 1.77 14.01
CA TRP D 244 -17.64 1.68 15.46
C TRP D 244 -18.87 0.83 15.80
N ALA D 245 -18.86 0.30 17.03
CA ALA D 245 -19.92 -0.56 17.59
C ALA D 245 -20.12 -0.16 19.05
N ALA D 246 -21.38 -0.03 19.49
CA ALA D 246 -21.65 0.52 20.81
C ALA D 246 -22.65 -0.33 21.57
N VAL D 247 -22.49 -0.37 22.91
CA VAL D 247 -23.49 -0.94 23.81
C VAL D 247 -23.81 0.08 24.91
N VAL D 248 -25.00 -0.05 25.48
CA VAL D 248 -25.43 0.74 26.64
C VAL D 248 -25.38 -0.15 27.87
N VAL D 249 -24.64 0.29 28.89
CA VAL D 249 -24.41 -0.53 30.09
C VAL D 249 -24.70 0.31 31.33
N PRO D 250 -24.90 -0.33 32.47
CA PRO D 250 -25.11 0.42 33.71
C PRO D 250 -23.84 1.07 34.22
N SER D 251 -23.99 2.23 34.85
CA SER D 251 -22.86 2.87 35.50
C SER D 251 -22.26 1.94 36.55
N GLY D 252 -20.93 1.87 36.58
CA GLY D 252 -20.23 1.06 37.54
C GLY D 252 -19.91 -0.35 37.08
N GLU D 253 -20.53 -0.82 36.00
CA GLU D 253 -20.26 -2.14 35.45
C GLU D 253 -19.46 -2.11 34.16
N GLU D 254 -18.80 -0.99 33.84
CA GLU D 254 -18.11 -0.88 32.55
C GLU D 254 -17.03 -1.94 32.39
N GLN D 255 -16.39 -2.35 33.49
CA GLN D 255 -15.27 -3.29 33.40
C GLN D 255 -15.70 -4.73 33.13
N ARG D 256 -16.99 -5.02 33.10
CA ARG D 256 -17.45 -6.35 32.72
C ARG D 256 -17.49 -6.57 31.21
N TYR D 257 -17.38 -5.52 30.39
CA TYR D 257 -17.59 -5.60 28.95
C TYR D 257 -16.25 -5.55 28.22
N THR D 258 -16.16 -6.28 27.11
CA THR D 258 -14.93 -6.34 26.31
C THR D 258 -15.28 -6.27 24.83
N CYS D 259 -14.56 -5.41 24.09
CA CYS D 259 -14.68 -5.29 22.64
C CYS D 259 -13.55 -6.06 21.97
N TYR D 260 -13.91 -6.96 21.05
CA TYR D 260 -12.95 -7.75 20.30
C TYR D 260 -12.87 -7.21 18.87
N VAL D 261 -11.65 -7.06 18.36
CA VAL D 261 -11.39 -6.49 17.04
C VAL D 261 -10.68 -7.55 16.22
N HIS D 262 -11.26 -7.93 15.09
CA HIS D 262 -10.69 -8.90 14.16
C HIS D 262 -10.43 -8.22 12.80
N HIS D 263 -9.19 -8.34 12.31
CA HIS D 263 -8.78 -7.73 11.04
C HIS D 263 -7.49 -8.40 10.54
N GLU D 264 -7.32 -8.42 9.20
CA GLU D 264 -6.18 -9.13 8.60
C GLU D 264 -4.84 -8.55 9.02
N GLY D 265 -4.80 -7.27 9.35
CA GLY D 265 -3.55 -6.64 9.74
C GLY D 265 -3.06 -6.97 11.14
N LEU D 266 -3.87 -7.64 11.93
CA LEU D 266 -3.56 -8.07 13.29
C LEU D 266 -3.15 -9.54 13.29
N THR D 267 -2.20 -9.91 14.16
CA THR D 267 -1.80 -11.32 14.26
C THR D 267 -2.73 -12.13 15.16
N GLU D 268 -3.56 -11.46 15.94
CA GLU D 268 -4.57 -12.09 16.80
C GLU D 268 -5.63 -11.04 17.09
N PRO D 269 -6.83 -11.43 17.50
CA PRO D 269 -7.82 -10.43 17.93
C PRO D 269 -7.32 -9.57 19.09
N LEU D 270 -7.69 -8.27 19.06
CA LEU D 270 -7.48 -7.36 20.19
C LEU D 270 -8.70 -7.42 21.09
N ALA D 271 -8.47 -7.51 22.39
CA ALA D 271 -9.51 -7.46 23.43
C ALA D 271 -9.35 -6.16 24.20
N LEU D 272 -10.32 -5.24 24.06
CA LEU D 272 -10.25 -3.90 24.61
C LEU D 272 -11.35 -3.67 25.65
N LYS D 273 -11.03 -2.83 26.64
CA LYS D 273 -11.93 -2.44 27.70
C LYS D 273 -11.82 -0.93 27.90
N TRP D 274 -12.83 -0.33 28.54
CA TRP D 274 -12.73 1.10 28.82
C TRP D 274 -11.65 1.37 29.87
N ARG D 275 -10.86 2.43 29.61
CA ARG D 275 -9.66 2.78 30.37
C ARG D 275 -8.50 1.85 30.04
N SER D 276 -8.01 1.92 28.80
CA SER D 276 -6.87 1.12 28.34
C SER D 276 -6.40 1.63 26.97
N ILE E 1 -37.77 -0.96 -7.16
CA ILE E 1 -37.96 -0.59 -5.73
C ILE E 1 -37.21 0.70 -5.44
N GLN E 2 -37.71 1.47 -4.47
CA GLN E 2 -37.03 2.66 -3.99
C GLN E 2 -36.47 2.40 -2.60
N LYS E 3 -35.30 2.98 -2.33
CA LYS E 3 -34.65 2.85 -1.03
C LYS E 3 -34.14 4.22 -0.62
N THR E 4 -34.34 4.57 0.66
CA THR E 4 -33.95 5.89 1.15
C THR E 4 -32.47 5.95 1.52
N PRO E 5 -31.86 7.13 1.44
CA PRO E 5 -30.43 7.25 1.79
C PRO E 5 -30.18 7.26 3.29
N GLN E 6 -29.11 6.56 3.69
CA GLN E 6 -28.49 6.69 5.00
C GLN E 6 -27.32 7.65 4.88
N ILE E 7 -27.07 8.39 5.95
CA ILE E 7 -26.05 9.45 6.00
C ILE E 7 -25.19 9.30 7.24
N GLN E 8 -23.86 9.41 7.08
CA GLN E 8 -22.94 9.67 8.21
C GLN E 8 -22.09 10.89 7.90
N VAL E 9 -21.95 11.78 8.89
CA VAL E 9 -21.13 12.98 8.78
C VAL E 9 -20.02 12.85 9.83
N TYR E 10 -18.77 12.96 9.39
CA TYR E 10 -17.63 12.69 10.27
C TYR E 10 -16.36 13.31 9.70
N SER E 11 -15.40 13.61 10.59
CA SER E 11 -14.13 14.14 10.13
C SER E 11 -13.18 12.98 9.78
N ARG E 12 -12.27 13.24 8.84
CA ARG E 12 -11.28 12.24 8.47
C ARG E 12 -10.37 11.89 9.66
N HIS E 13 -9.88 12.91 10.39
CA HIS E 13 -9.00 12.80 11.55
C HIS E 13 -9.70 13.28 12.82
N PRO E 14 -9.29 12.80 13.99
CA PRO E 14 -9.82 13.36 15.25
C PRO E 14 -9.79 14.87 15.23
N PRO E 15 -10.88 15.54 15.60
CA PRO E 15 -10.91 17.02 15.49
C PRO E 15 -10.18 17.72 16.61
N GLU E 16 -9.48 18.80 16.22
CA GLU E 16 -8.85 19.72 17.15
C GLU E 16 -9.18 21.13 16.68
N ASN E 17 -9.76 21.95 17.56
CA ASN E 17 -10.14 23.31 17.16
C ASN E 17 -8.93 24.04 16.61
N GLY E 18 -9.11 24.68 15.46
CA GLY E 18 -8.02 25.43 14.84
C GLY E 18 -7.08 24.63 13.96
N LYS E 19 -7.28 23.31 13.85
CA LYS E 19 -6.36 22.47 13.11
C LYS E 19 -7.02 21.98 11.84
N PRO E 20 -6.51 22.30 10.66
CA PRO E 20 -7.23 21.93 9.43
C PRO E 20 -7.48 20.42 9.33
N ASN E 21 -8.63 20.09 8.74
CA ASN E 21 -9.12 18.72 8.70
C ASN E 21 -9.91 18.55 7.40
N ILE E 22 -10.60 17.41 7.26
CA ILE E 22 -11.50 17.12 6.15
C ILE E 22 -12.81 16.64 6.77
N LEU E 23 -13.92 17.19 6.30
CA LEU E 23 -15.25 16.77 6.70
C LEU E 23 -15.88 15.92 5.60
N ASN E 24 -16.34 14.72 5.97
CA ASN E 24 -16.93 13.76 5.06
C ASN E 24 -18.44 13.67 5.25
N CYS E 25 -19.16 13.50 4.15
CA CYS E 25 -20.57 13.10 4.16
C CYS E 25 -20.74 11.86 3.29
N TYR E 26 -20.96 10.72 3.92
CA TYR E 26 -20.99 9.41 3.27
C TYR E 26 -22.44 8.96 3.19
N VAL E 27 -22.94 8.81 1.98
CA VAL E 27 -24.37 8.56 1.71
C VAL E 27 -24.50 7.19 1.06
N THR E 28 -25.36 6.34 1.64
CA THR E 28 -25.44 4.94 1.26
C THR E 28 -26.88 4.50 1.21
N GLN E 29 -27.07 3.27 0.75
CA GLN E 29 -28.32 2.50 0.80
C GLN E 29 -29.45 3.03 -0.10
N PHE E 30 -29.16 3.90 -1.08
CA PHE E 30 -30.24 4.52 -1.83
C PHE E 30 -30.40 3.95 -3.25
N HIS E 31 -31.61 4.14 -3.77
CA HIS E 31 -32.00 3.70 -5.11
C HIS E 31 -33.26 4.47 -5.50
N PRO E 32 -33.32 5.06 -6.70
CA PRO E 32 -32.38 5.04 -7.82
C PRO E 32 -31.15 5.93 -7.61
N PRO E 33 -30.20 5.95 -8.56
CA PRO E 33 -28.92 6.63 -8.27
C PRO E 33 -28.96 8.17 -8.27
N HIS E 34 -30.00 8.81 -8.80
CA HIS E 34 -30.04 10.27 -8.87
C HIS E 34 -30.22 10.87 -7.49
N ILE E 35 -29.35 11.82 -7.09
CA ILE E 35 -29.38 12.36 -5.74
C ILE E 35 -28.74 13.74 -5.72
N GLU E 36 -29.14 14.56 -4.75
CA GLU E 36 -28.53 15.87 -4.51
C GLU E 36 -27.99 15.90 -3.09
N ILE E 37 -26.75 16.35 -2.93
CA ILE E 37 -26.06 16.37 -1.64
C ILE E 37 -25.42 17.75 -1.48
N GLN E 38 -25.73 18.42 -0.37
CA GLN E 38 -25.08 19.68 -0.01
C GLN E 38 -24.46 19.56 1.39
N MET E 39 -23.32 20.22 1.58
CA MET E 39 -22.70 20.40 2.89
C MET E 39 -22.82 21.86 3.31
N LEU E 40 -23.08 22.08 4.60
CA LEU E 40 -23.50 23.38 5.12
C LEU E 40 -22.61 23.81 6.28
N LYS E 41 -22.27 25.12 6.32
CA LYS E 41 -21.62 25.76 7.47
C LYS E 41 -22.45 26.93 7.97
N ASN E 42 -22.81 26.91 9.25
CA ASN E 42 -23.59 27.99 9.86
C ASN E 42 -24.75 28.39 8.94
N GLY E 43 -25.52 27.38 8.56
CA GLY E 43 -26.64 27.53 7.65
C GLY E 43 -26.33 27.48 6.16
N LYS E 44 -25.20 28.07 5.74
CA LYS E 44 -24.96 28.37 4.34
C LYS E 44 -24.30 27.20 3.60
N LYS E 45 -24.67 27.02 2.33
CA LYS E 45 -24.05 25.99 1.49
C LYS E 45 -22.57 26.30 1.27
N ILE E 46 -21.75 25.27 1.46
CA ILE E 46 -20.31 25.38 1.22
C ILE E 46 -20.05 25.28 -0.28
N PRO E 47 -19.31 26.24 -0.87
CA PRO E 47 -19.18 26.25 -2.34
C PRO E 47 -18.31 25.14 -2.92
N LYS E 48 -17.20 24.80 -2.31
CA LYS E 48 -16.31 23.80 -2.91
C LYS E 48 -16.47 22.51 -2.12
N VAL E 49 -17.35 21.63 -2.62
CA VAL E 49 -17.51 20.28 -2.10
C VAL E 49 -17.12 19.32 -3.20
N GLU E 50 -16.24 18.39 -2.88
CA GLU E 50 -15.77 17.40 -3.83
C GLU E 50 -16.55 16.10 -3.66
N MET E 51 -16.77 15.40 -4.76
CA MET E 51 -17.57 14.18 -4.80
C MET E 51 -16.75 13.04 -5.40
N SER E 52 -16.82 11.88 -4.79
CA SER E 52 -16.28 10.69 -5.42
C SER E 52 -17.20 10.21 -6.54
N ASP E 53 -16.69 9.27 -7.33
CA ASP E 53 -17.57 8.53 -8.22
C ASP E 53 -18.64 7.82 -7.38
N MET E 54 -19.81 7.60 -7.97
CA MET E 54 -20.85 6.78 -7.35
C MET E 54 -20.61 5.32 -7.71
N SER E 55 -20.82 4.42 -6.74
CA SER E 55 -20.68 2.98 -6.91
C SER E 55 -21.91 2.31 -6.28
N PHE E 56 -21.91 0.98 -6.17
CA PHE E 56 -23.00 0.30 -5.50
C PHE E 56 -22.52 -0.98 -4.84
N SER E 57 -23.33 -1.47 -3.92
CA SER E 57 -22.99 -2.59 -3.06
C SER E 57 -23.59 -3.90 -3.57
N LYS E 58 -23.35 -4.97 -2.80
CA LYS E 58 -23.81 -6.30 -3.15
C LYS E 58 -25.32 -6.36 -3.27
N ASP E 59 -26.03 -5.62 -2.42
CA ASP E 59 -27.49 -5.59 -2.48
C ASP E 59 -28.01 -4.59 -3.53
N TRP E 60 -27.14 -4.06 -4.39
CA TRP E 60 -27.46 -3.19 -5.52
C TRP E 60 -27.73 -1.73 -5.14
N SER E 61 -27.71 -1.37 -3.86
CA SER E 61 -27.93 0.02 -3.45
C SER E 61 -26.64 0.84 -3.66
N PHE E 62 -26.82 2.11 -4.04
CA PHE E 62 -25.74 3.00 -4.44
C PHE E 62 -25.10 3.70 -3.22
N TYR E 63 -23.85 4.15 -3.37
CA TYR E 63 -23.20 4.94 -2.33
C TYR E 63 -22.22 5.93 -2.97
N ILE E 64 -21.91 7.00 -2.22
CA ILE E 64 -21.03 8.07 -2.69
C ILE E 64 -20.48 8.81 -1.47
N LEU E 65 -19.31 9.44 -1.64
CA LEU E 65 -18.63 10.23 -0.60
C LEU E 65 -18.49 11.67 -1.09
N ALA E 66 -19.01 12.63 -0.29
CA ALA E 66 -18.78 14.05 -0.51
C ALA E 66 -17.87 14.54 0.61
N HIS E 67 -17.05 15.55 0.32
CA HIS E 67 -16.11 15.99 1.35
C HIS E 67 -15.57 17.38 1.01
N THR E 68 -15.05 18.05 2.05
CA THR E 68 -14.58 19.42 1.95
C THR E 68 -13.57 19.70 3.07
N GLU E 69 -12.63 20.59 2.76
CA GLU E 69 -11.67 21.06 3.77
C GLU E 69 -12.39 21.95 4.78
N PHE E 70 -12.09 21.76 6.07
CA PHE E 70 -12.57 22.66 7.12
C PHE E 70 -11.55 22.71 8.26
N THR E 71 -11.65 23.79 9.05
CA THR E 71 -10.96 23.90 10.33
C THR E 71 -11.99 24.01 11.44
N PRO E 72 -12.15 23.01 12.30
CA PRO E 72 -13.19 23.11 13.33
C PRO E 72 -12.89 24.22 14.33
N THR E 73 -13.95 24.89 14.78
CA THR E 73 -13.87 25.90 15.84
C THR E 73 -14.91 25.55 16.90
N GLU E 74 -14.84 26.25 18.02
CA GLU E 74 -15.78 25.94 19.09
C GLU E 74 -17.21 26.34 18.72
N THR E 75 -17.38 27.31 17.79
CA THR E 75 -18.66 27.93 17.56
C THR E 75 -19.35 27.51 16.27
N ASP E 76 -18.61 27.13 15.22
CA ASP E 76 -19.21 26.86 13.92
C ASP E 76 -19.97 25.53 13.90
N THR E 77 -21.09 25.51 13.17
CA THR E 77 -21.90 24.31 12.99
C THR E 77 -21.77 23.80 11.56
N TYR E 78 -21.75 22.47 11.39
CA TYR E 78 -21.70 21.84 10.07
C TYR E 78 -22.78 20.78 9.93
N ALA E 79 -23.27 20.60 8.69
CA ALA E 79 -24.28 19.58 8.41
C ALA E 79 -24.19 19.13 6.96
N CYS E 80 -24.86 18.01 6.67
CA CYS E 80 -25.05 17.50 5.32
C CYS E 80 -26.55 17.32 5.07
N ARG E 81 -27.02 17.80 3.92
CA ARG E 81 -28.43 17.78 3.52
C ARG E 81 -28.56 17.05 2.19
N VAL E 82 -29.45 16.06 2.15
CA VAL E 82 -29.62 15.16 1.02
C VAL E 82 -31.07 15.18 0.54
N LYS E 83 -31.26 15.36 -0.77
CA LYS E 83 -32.56 15.29 -1.41
C LYS E 83 -32.60 14.09 -2.35
N HIS E 84 -33.63 13.24 -2.20
CA HIS E 84 -33.74 12.01 -2.98
C HIS E 84 -35.21 11.69 -3.20
N ASP E 85 -35.53 11.11 -4.38
CA ASP E 85 -36.91 10.93 -4.79
C ASP E 85 -37.69 10.00 -3.85
N SER E 86 -36.99 9.11 -3.14
CA SER E 86 -37.60 8.22 -2.17
C SER E 86 -38.12 8.93 -0.94
N MET E 87 -37.77 10.20 -0.73
CA MET E 87 -38.13 10.95 0.47
C MET E 87 -38.98 12.17 0.13
N ALA E 88 -40.01 12.42 0.95
CA ALA E 88 -40.88 13.57 0.74
C ALA E 88 -40.14 14.89 0.93
N GLU E 89 -39.28 14.98 1.93
CA GLU E 89 -38.53 16.20 2.22
C GLU E 89 -37.05 15.89 2.40
N PRO E 90 -36.18 16.89 2.32
CA PRO E 90 -34.74 16.63 2.46
C PRO E 90 -34.38 16.16 3.86
N LYS E 91 -33.27 15.41 3.95
CA LYS E 91 -32.77 14.89 5.22
C LYS E 91 -31.48 15.61 5.56
N THR E 92 -31.38 16.10 6.80
CA THR E 92 -30.21 16.83 7.28
C THR E 92 -29.61 16.14 8.50
N VAL E 93 -28.31 15.87 8.45
CA VAL E 93 -27.56 15.29 9.57
C VAL E 93 -26.46 16.26 9.96
N TYR E 94 -26.46 16.68 11.23
CA TYR E 94 -25.42 17.58 11.74
C TYR E 94 -24.16 16.82 12.10
N TRP E 95 -23.00 17.49 11.98
CA TRP E 95 -21.75 16.92 12.49
C TRP E 95 -21.76 16.89 14.02
N ASP E 96 -21.56 15.70 14.58
CA ASP E 96 -21.43 15.49 16.02
C ASP E 96 -20.04 14.92 16.24
N ARG E 97 -19.23 15.59 17.07
CA ARG E 97 -17.82 15.21 17.16
C ARG E 97 -17.60 13.86 17.82
N ASP E 98 -18.61 13.26 18.44
CA ASP E 98 -18.49 11.97 19.12
C ASP E 98 -18.75 10.77 18.21
N MET E 99 -19.13 10.96 16.95
CA MET E 99 -19.37 9.81 16.08
C MET E 99 -18.87 10.04 14.66
N FME F 1 -14.96 -6.20 -17.73
CN FME F 1 -15.68 -6.57 -16.63
O1 FME F 1 -16.89 -6.30 -16.48
CA FME F 1 -15.58 -5.46 -18.81
CB FME F 1 -14.60 -4.51 -19.50
CG FME F 1 -14.09 -3.38 -18.61
SD FME F 1 -15.37 -2.28 -17.99
CE FME F 1 -15.90 -1.53 -19.49
C FME F 1 -16.18 -6.45 -19.81
O FME F 1 -15.62 -6.82 -20.85
H FME F 1 -14.00 -6.44 -17.82
HCN FME F 1 -15.08 -7.14 -15.87
HA FME F 1 -16.44 -4.81 -18.46
HB2 FME F 1 -15.12 -4.07 -20.41
HB3 FME F 1 -13.73 -5.12 -19.88
HG2 FME F 1 -13.35 -2.77 -19.18
HG3 FME F 1 -13.57 -3.82 -17.73
HE1 FME F 1 -16.60 -0.71 -19.19
HE2 FME F 1 -16.41 -2.33 -20.08
HE3 FME F 1 -14.99 -1.14 -19.98
N PHE F 2 -17.38 -6.90 -19.43
CA PHE F 2 -18.03 -8.05 -20.03
C PHE F 2 -19.53 -7.95 -19.76
N PHE F 3 -20.36 -8.32 -20.73
CA PHE F 3 -21.81 -8.25 -20.60
C PHE F 3 -22.43 -9.31 -21.50
N ILE F 4 -23.37 -10.07 -20.96
CA ILE F 4 -24.08 -11.08 -21.76
C ILE F 4 -25.31 -10.44 -22.36
N ASN F 5 -25.36 -10.40 -23.69
CA ASN F 5 -26.48 -9.84 -24.43
C ASN F 5 -27.48 -10.96 -24.72
N ALA F 6 -28.74 -10.75 -24.30
CA ALA F 6 -29.77 -11.74 -24.59
C ALA F 6 -30.50 -11.44 -25.89
N LEU F 7 -30.84 -10.17 -26.13
CA LEU F 7 -31.61 -9.81 -27.31
C LEU F 7 -31.33 -8.37 -27.74
C1 NAG G . 2.19 -16.12 27.53
C2 NAG G . 1.09 -15.57 26.62
C3 NAG G . -0.02 -14.93 27.46
C4 NAG G . -0.52 -15.89 28.53
C5 NAG G . 0.64 -16.44 29.36
C6 NAG G . 0.21 -17.49 30.36
C7 NAG G . 1.38 -14.64 24.35
C8 NAG G . 2.04 -13.57 23.53
N2 NAG G . 1.64 -14.61 25.66
O3 NAG G . -1.09 -14.56 26.60
O4 NAG G . -1.43 -15.23 29.40
O5 NAG G . 1.60 -17.05 28.49
O6 NAG G . -0.11 -18.75 29.78
O7 NAG G . 0.62 -15.47 23.85
H2 NAG G . 0.69 -16.32 26.12
H3 NAG G . 0.34 -14.14 27.90
H4 NAG G . -0.98 -16.63 28.07
H5 NAG G . 1.06 -15.71 29.83
H61 NAG G . -0.59 -17.16 30.84
H62 NAG G . 0.92 -17.63 31.01
H81 NAG G . 1.79 -13.68 22.59
H82 NAG G . 3.00 -13.66 23.61
H83 NAG G . 1.75 -12.70 23.84
HN2 NAG G . 2.19 -13.97 25.98
HO3 NAG G . -1.71 -14.12 27.07
HO4 NAG G . -2.15 -15.74 29.51
HO6 NAG G . 0.33 -18.84 29.00
NA NA H . 5.05 10.27 28.69
#